data_8K9U
#
_entry.id   8K9U
#
_cell.length_a   69.717
_cell.length_b   92.257
_cell.length_c   162.624
_cell.angle_alpha   90.00
_cell.angle_beta   90.00
_cell.angle_gamma   90.00
#
_symmetry.space_group_name_H-M   'P 21 21 21'
#
loop_
_entity.id
_entity.type
_entity.pdbx_description
1 polymer 'Lysine--tRNA ligase'
2 non-polymer LYSINE
3 non-polymer ~{N}4-(2,4-dimethoxyphenyl)-~{N}2-(2-propan-2-ylsulfonylphenyl)-1,3,5-triazine-2,4-diamine
4 non-polymer '2-(N-MORPHOLINO)-ETHANESULFONIC ACID'
5 water water
#
_entity_poly.entity_id   1
_entity_poly.type   'polypeptide(L)'
_entity_poly.pdbx_seq_one_letter_code
;MEVDPRLYFENRSKFIQDQKDKGINPYPHKFERTISIPEFIEKYKDLGNGEHLEDTILNITGRIMRVSASGQKLRFFDLV
GDGEKIQVLANYSFHNHEKGNFAECYDKIRRGDIVGIVGFPGKSKKGELSIFPKETILLSACLHMLPMKYGLKDTEIRYR
QRYLDLLINESSRHTFVTRTKIINFLRNFLNERGFFEVETPMMNLIAGGANARPFITHHNDLDLDLYLRIATELPLKMLI
VGGIDKVYEIGKVFRNEGIDNTHNPEFTSCEFYWAYADYNDLIKWSEDFFSQLVYHLFGTYKISYNKDGPENQPIEIDFT
PPYPKVSIVEEIEKVTNTILEQPFDSNETIEKMINIIKEHKIELPNPPTAAKLLDQLASHFIENKYNDKPFFIVEHPQIM
SPLAKYHRTKPGLTERLEMFICGKEVLNAYTELNDPFKQKECFKLQQKDREKGDTEAAQLDSAFCTSLEYGLPPTGGLGL
GIDRITMFLTNKNSIKDVILFPTMRPANGGHHHHHH
;
_entity_poly.pdbx_strand_id   A,B
#
# COMPACT_ATOMS: atom_id res chain seq x y z
N VAL A 3 -37.37 -19.33 6.87
CA VAL A 3 -37.75 -18.98 5.51
C VAL A 3 -37.93 -17.47 5.39
N ASP A 4 -38.73 -16.89 6.28
CA ASP A 4 -38.88 -15.45 6.33
C ASP A 4 -37.63 -14.83 6.94
N PRO A 5 -36.87 -14.01 6.21
CA PRO A 5 -35.59 -13.53 6.77
C PRO A 5 -35.76 -12.65 7.99
N ARG A 6 -36.72 -11.72 7.97
CA ARG A 6 -36.99 -10.90 9.14
C ARG A 6 -37.36 -11.77 10.34
N LEU A 7 -38.12 -12.85 10.11
CA LEU A 7 -38.48 -13.75 11.20
C LEU A 7 -37.26 -14.47 11.76
N TYR A 8 -36.39 -14.99 10.89
CA TYR A 8 -35.17 -15.66 11.36
C TYR A 8 -34.30 -14.70 12.15
N PHE A 9 -34.13 -13.48 11.65
CA PHE A 9 -33.29 -12.49 12.33
C PHE A 9 -33.90 -12.09 13.68
N GLU A 10 -35.20 -11.79 13.70
CA GLU A 10 -35.84 -11.38 14.94
C GLU A 10 -35.85 -12.50 15.97
N ASN A 11 -36.10 -13.74 15.53
CA ASN A 11 -36.14 -14.86 16.47
C ASN A 11 -34.75 -15.24 16.94
N ARG A 12 -33.71 -15.05 16.12
CA ARG A 12 -32.35 -15.28 16.60
C ARG A 12 -31.90 -14.18 17.54
N SER A 13 -32.34 -12.94 17.32
CA SER A 13 -32.10 -11.89 18.30
C SER A 13 -32.81 -12.19 19.61
N LYS A 14 -34.06 -12.69 19.51
CA LYS A 14 -34.76 -13.16 20.69
C LYS A 14 -34.01 -14.29 21.36
N PHE A 15 -33.39 -15.18 20.57
CA PHE A 15 -32.56 -16.25 21.13
C PHE A 15 -31.36 -15.68 21.87
N ILE A 16 -30.74 -14.64 21.32
CA ILE A 16 -29.64 -13.97 22.00
C ILE A 16 -30.08 -13.46 23.36
N GLN A 17 -31.22 -12.77 23.39
CA GLN A 17 -31.70 -12.26 24.67
C GLN A 17 -32.19 -13.38 25.57
N ASP A 18 -32.63 -14.51 25.01
CA ASP A 18 -33.01 -15.66 25.83
C ASP A 18 -31.79 -16.25 26.52
N GLN A 19 -30.69 -16.38 25.78
CA GLN A 19 -29.44 -16.85 26.36
C GLN A 19 -28.94 -15.88 27.42
N LYS A 20 -29.04 -14.58 27.17
CA LYS A 20 -28.62 -13.59 28.16
C LYS A 20 -29.47 -13.67 29.42
N ASP A 21 -30.80 -13.77 29.25
CA ASP A 21 -31.70 -14.00 30.37
C ASP A 21 -31.46 -15.35 31.01
N LYS A 22 -30.80 -16.26 30.31
CA LYS A 22 -30.46 -17.59 30.82
C LYS A 22 -29.06 -17.63 31.44
N GLY A 23 -28.40 -16.48 31.56
CA GLY A 23 -27.10 -16.42 32.19
C GLY A 23 -25.93 -16.89 31.35
N ILE A 24 -26.14 -17.12 30.05
CA ILE A 24 -25.08 -17.55 29.14
C ILE A 24 -24.84 -16.43 28.14
N ASN A 25 -23.61 -15.93 28.10
CA ASN A 25 -23.26 -14.81 27.24
C ASN A 25 -23.03 -15.32 25.83
N PRO A 26 -23.93 -15.00 24.88
CA PRO A 26 -23.78 -15.50 23.50
C PRO A 26 -22.65 -14.85 22.73
N TYR A 27 -22.11 -13.74 23.22
CA TYR A 27 -20.93 -13.10 22.63
C TYR A 27 -19.84 -13.05 23.70
N PRO A 28 -19.30 -14.22 24.08
CA PRO A 28 -18.36 -14.25 25.21
C PRO A 28 -17.12 -13.42 24.93
N HIS A 29 -16.54 -12.90 26.02
CA HIS A 29 -15.45 -11.95 25.91
C HIS A 29 -14.25 -12.52 25.17
N LYS A 30 -14.00 -13.81 25.31
CA LYS A 30 -12.75 -14.36 24.82
C LYS A 30 -12.83 -15.88 24.80
N PHE A 31 -12.16 -16.48 23.82
CA PHE A 31 -11.94 -17.92 23.77
C PHE A 31 -10.45 -18.15 23.57
N GLU A 32 -9.82 -18.83 24.51
CA GLU A 32 -8.39 -19.06 24.43
C GLU A 32 -8.10 -20.15 23.43
N ARG A 33 -8.15 -19.78 22.17
CA ARG A 33 -7.86 -20.72 21.10
C ARG A 33 -6.41 -21.17 21.15
N THR A 34 -6.21 -22.46 20.93
CA THR A 34 -4.88 -23.07 20.92
C THR A 34 -4.38 -23.36 19.52
N ILE A 35 -5.26 -23.64 18.58
CA ILE A 35 -4.87 -24.05 17.24
C ILE A 35 -5.85 -23.45 16.24
N SER A 36 -5.35 -23.09 15.06
CA SER A 36 -6.20 -22.65 13.97
C SER A 36 -6.65 -23.86 13.17
N ILE A 37 -7.74 -23.67 12.40
CA ILE A 37 -8.25 -24.76 11.58
C ILE A 37 -7.23 -25.24 10.55
N PRO A 38 -6.54 -24.37 9.81
CA PRO A 38 -5.45 -24.87 8.96
C PRO A 38 -4.37 -25.62 9.74
N GLU A 39 -4.00 -25.13 10.93
CA GLU A 39 -3.03 -25.84 11.74
C GLU A 39 -3.57 -27.20 12.18
N PHE A 40 -4.87 -27.25 12.52
CA PHE A 40 -5.51 -28.51 12.87
C PHE A 40 -5.43 -29.50 11.72
N ILE A 41 -5.77 -29.06 10.51
CA ILE A 41 -5.75 -29.93 9.34
C ILE A 41 -4.35 -30.41 9.04
N GLU A 42 -3.36 -29.51 9.11
CA GLU A 42 -1.98 -29.91 8.87
C GLU A 42 -1.49 -30.89 9.92
N LYS A 43 -1.83 -30.67 11.18
CA LYS A 43 -1.37 -31.54 12.25
C LYS A 43 -1.96 -32.94 12.14
N TYR A 44 -3.27 -33.02 11.91
CA TYR A 44 -3.96 -34.30 12.06
C TYR A 44 -4.54 -34.82 10.75
N LYS A 45 -3.92 -34.45 9.61
CA LYS A 45 -4.32 -35.04 8.34
C LYS A 45 -3.93 -36.50 8.26
N ASP A 46 -2.82 -36.89 8.88
CA ASP A 46 -2.33 -38.27 8.83
C ASP A 46 -2.90 -39.07 10.01
N LEU A 47 -4.21 -39.31 9.93
CA LEU A 47 -4.93 -40.09 10.93
C LEU A 47 -5.82 -41.10 10.24
N GLY A 48 -5.94 -42.29 10.83
CA GLY A 48 -6.83 -43.30 10.29
C GLY A 48 -8.28 -43.02 10.59
N ASN A 49 -9.16 -43.70 9.85
CA ASN A 49 -10.59 -43.49 10.02
C ASN A 49 -11.06 -44.12 11.32
N GLY A 50 -11.81 -43.36 12.12
CA GLY A 50 -12.22 -43.80 13.43
C GLY A 50 -11.19 -43.60 14.51
N GLU A 51 -10.01 -43.06 14.17
CA GLU A 51 -8.93 -42.87 15.12
C GLU A 51 -9.08 -41.50 15.78
N HIS A 52 -9.29 -41.50 17.09
CA HIS A 52 -9.32 -40.26 17.86
C HIS A 52 -7.93 -39.94 18.39
N LEU A 53 -7.84 -38.80 19.07
CA LEU A 53 -6.65 -38.42 19.85
C LEU A 53 -7.12 -37.88 21.20
N GLU A 54 -7.95 -38.68 21.88
CA GLU A 54 -8.79 -38.20 22.97
C GLU A 54 -7.98 -37.49 24.06
N ASP A 55 -6.72 -37.88 24.26
CA ASP A 55 -5.91 -37.24 25.30
C ASP A 55 -5.52 -35.81 24.96
N THR A 56 -5.68 -35.39 23.70
CA THR A 56 -5.18 -34.10 23.22
C THR A 56 -6.32 -33.10 23.22
N ILE A 57 -6.34 -32.21 24.20
CA ILE A 57 -7.44 -31.27 24.40
C ILE A 57 -7.07 -29.96 23.73
N LEU A 58 -7.84 -29.60 22.70
CA LEU A 58 -7.60 -28.43 21.86
C LEU A 58 -8.74 -27.44 22.02
N ASN A 59 -8.39 -26.15 21.98
CA ASN A 59 -9.35 -25.06 21.92
C ASN A 59 -9.31 -24.52 20.49
N ILE A 60 -10.35 -24.83 19.72
CA ILE A 60 -10.39 -24.45 18.31
C ILE A 60 -11.62 -23.57 18.09
N THR A 61 -11.55 -22.69 17.08
CA THR A 61 -12.68 -21.83 16.78
C THR A 61 -13.03 -21.97 15.30
N GLY A 62 -14.25 -21.53 14.99
CA GLY A 62 -14.63 -21.46 13.59
C GLY A 62 -16.08 -21.05 13.45
N ARG A 63 -16.50 -21.00 12.20
CA ARG A 63 -17.90 -20.70 11.87
C ARG A 63 -18.61 -21.98 11.50
N ILE A 64 -19.79 -22.19 12.09
CA ILE A 64 -20.63 -23.33 11.73
C ILE A 64 -21.29 -23.07 10.39
N MET A 65 -21.10 -23.97 9.45
CA MET A 65 -21.67 -23.85 8.11
C MET A 65 -22.60 -24.99 7.75
N ARG A 66 -22.65 -26.06 8.54
CA ARG A 66 -23.62 -27.12 8.34
C ARG A 66 -23.98 -27.69 9.70
N VAL A 67 -25.23 -28.13 9.82
CA VAL A 67 -25.72 -28.79 11.03
C VAL A 67 -26.49 -30.04 10.60
N SER A 68 -26.19 -31.16 11.26
CA SER A 68 -26.92 -32.39 11.03
C SER A 68 -26.86 -33.24 12.28
N ALA A 69 -27.71 -34.26 12.34
CA ALA A 69 -27.79 -35.12 13.50
C ALA A 69 -27.96 -36.57 13.09
N SER A 70 -27.28 -37.47 13.80
CA SER A 70 -27.58 -38.89 13.77
C SER A 70 -28.51 -39.28 14.91
N GLY A 71 -29.35 -38.35 15.36
CA GLY A 71 -30.15 -38.49 16.56
C GLY A 71 -29.88 -37.34 17.49
N GLN A 72 -30.70 -37.15 18.53
CA GLN A 72 -30.50 -36.06 19.47
C GLN A 72 -29.16 -36.14 20.19
N LYS A 73 -28.57 -37.33 20.23
CA LYS A 73 -27.37 -37.58 21.01
C LYS A 73 -26.09 -37.45 20.20
N LEU A 74 -26.17 -37.29 18.88
CA LEU A 74 -24.98 -37.19 18.05
C LEU A 74 -25.18 -36.07 17.05
N ARG A 75 -24.30 -35.06 17.10
CA ARG A 75 -24.44 -33.84 16.29
C ARG A 75 -23.25 -33.72 15.35
N PHE A 76 -23.53 -33.37 14.10
CA PHE A 76 -22.49 -33.10 13.12
C PHE A 76 -22.57 -31.63 12.72
N PHE A 77 -21.41 -30.97 12.69
CA PHE A 77 -21.30 -29.59 12.24
C PHE A 77 -20.17 -29.49 11.22
N ASP A 78 -20.16 -28.40 10.47
CA ASP A 78 -19.01 -28.03 9.65
C ASP A 78 -18.39 -26.77 10.23
N LEU A 79 -17.09 -26.83 10.52
CA LEU A 79 -16.37 -25.72 11.11
C LEU A 79 -15.40 -25.16 10.07
N VAL A 80 -15.53 -23.88 9.74
CA VAL A 80 -14.67 -23.23 8.77
C VAL A 80 -13.86 -22.16 9.47
N GLY A 81 -12.58 -22.10 9.12
CA GLY A 81 -11.68 -21.08 9.62
C GLY A 81 -10.56 -20.85 8.65
N ASP A 82 -10.28 -19.58 8.33
CA ASP A 82 -9.20 -19.21 7.42
C ASP A 82 -9.33 -19.94 6.10
N GLY A 83 -10.58 -20.12 5.64
CA GLY A 83 -10.85 -20.81 4.40
C GLY A 83 -10.51 -22.29 4.39
N GLU A 84 -10.61 -22.95 5.54
CA GLU A 84 -10.41 -24.39 5.60
C GLU A 84 -11.47 -25.01 6.52
N LYS A 85 -11.83 -26.25 6.22
CA LYS A 85 -12.98 -26.90 6.84
C LYS A 85 -12.55 -28.15 7.60
N ILE A 86 -13.14 -28.33 8.78
CA ILE A 86 -13.10 -29.61 9.48
C ILE A 86 -14.53 -29.93 9.91
N GLN A 87 -14.75 -31.20 10.25
CA GLN A 87 -16.03 -31.54 10.83
C GLN A 87 -16.00 -31.31 12.34
N VAL A 88 -17.18 -31.14 12.90
CA VAL A 88 -17.37 -31.11 14.35
C VAL A 88 -18.26 -32.29 14.69
N LEU A 89 -17.74 -33.22 15.47
CA LEU A 89 -18.50 -34.43 15.79
C LEU A 89 -18.81 -34.39 17.28
N ALA A 90 -19.91 -33.73 17.62
CA ALA A 90 -20.38 -33.70 19.00
C ALA A 90 -20.97 -35.04 19.35
N ASN A 91 -20.43 -35.67 20.40
CA ASN A 91 -20.90 -36.95 20.87
C ASN A 91 -21.35 -36.78 22.32
N TYR A 92 -22.57 -37.24 22.61
CA TYR A 92 -23.10 -37.18 23.97
C TYR A 92 -22.10 -37.74 24.97
N SER A 93 -21.35 -38.77 24.59
CA SER A 93 -20.36 -39.35 25.48
C SER A 93 -19.20 -38.41 25.74
N PHE A 94 -18.61 -37.86 24.68
CA PHE A 94 -17.44 -37.00 24.86
C PHE A 94 -17.80 -35.64 25.44
N HIS A 95 -19.08 -35.30 25.50
CA HIS A 95 -19.51 -34.00 25.99
C HIS A 95 -19.28 -33.87 27.49
N ASN A 96 -19.00 -32.64 27.93
CA ASN A 96 -18.94 -32.31 29.34
C ASN A 96 -20.34 -31.89 29.77
N HIS A 97 -21.05 -32.80 30.44
CA HIS A 97 -22.41 -32.52 30.88
C HIS A 97 -22.46 -31.67 32.14
N GLU A 98 -21.33 -31.44 32.79
CA GLU A 98 -21.24 -30.56 33.95
C GLU A 98 -21.06 -29.10 33.56
N LYS A 99 -20.96 -28.81 32.26
CA LYS A 99 -20.91 -27.44 31.75
C LYS A 99 -22.16 -27.07 30.98
N GLY A 100 -23.09 -28.01 30.79
CA GLY A 100 -24.32 -27.74 30.08
C GLY A 100 -24.95 -29.03 29.62
N ASN A 101 -26.20 -28.90 29.16
CA ASN A 101 -26.92 -30.04 28.60
C ASN A 101 -26.52 -30.21 27.14
N PHE A 102 -26.15 -31.43 26.76
CA PHE A 102 -25.72 -31.69 25.39
C PHE A 102 -26.77 -31.26 24.39
N ALA A 103 -28.02 -31.71 24.57
CA ALA A 103 -29.10 -31.31 23.69
C ALA A 103 -29.30 -29.80 23.72
N GLU A 104 -29.25 -29.20 24.91
CA GLU A 104 -29.36 -27.75 25.00
C GLU A 104 -28.17 -27.06 24.34
N CYS A 105 -26.96 -27.55 24.60
CA CYS A 105 -25.76 -26.88 24.12
C CYS A 105 -25.60 -26.99 22.61
N TYR A 106 -26.26 -27.95 21.95
CA TYR A 106 -26.12 -28.07 20.51
C TYR A 106 -27.38 -27.77 19.71
N ASP A 107 -28.56 -27.89 20.32
CA ASP A 107 -29.80 -27.51 19.64
C ASP A 107 -29.86 -26.01 19.37
N LYS A 108 -29.06 -25.21 20.08
CA LYS A 108 -29.05 -23.77 19.86
C LYS A 108 -28.18 -23.35 18.68
N ILE A 109 -27.22 -24.18 18.30
CA ILE A 109 -26.27 -23.79 17.26
C ILE A 109 -26.96 -23.77 15.91
N ARG A 110 -26.83 -22.65 15.20
CA ARG A 110 -27.35 -22.48 13.85
C ARG A 110 -26.18 -22.34 12.88
N ARG A 111 -26.52 -22.34 11.59
CA ARG A 111 -25.50 -22.10 10.56
C ARG A 111 -25.01 -20.67 10.63
N GLY A 112 -23.72 -20.49 10.37
CA GLY A 112 -23.10 -19.18 10.45
C GLY A 112 -22.57 -18.82 11.81
N ASP A 113 -22.81 -19.67 12.82
CA ASP A 113 -22.44 -19.34 14.19
C ASP A 113 -20.94 -19.52 14.40
N ILE A 114 -20.29 -18.47 14.90
CA ILE A 114 -18.90 -18.58 15.32
C ILE A 114 -18.87 -19.21 16.70
N VAL A 115 -18.19 -20.35 16.81
CA VAL A 115 -18.15 -21.14 18.03
C VAL A 115 -16.70 -21.41 18.41
N GLY A 116 -16.50 -21.56 19.72
CA GLY A 116 -15.27 -22.09 20.28
C GLY A 116 -15.54 -23.47 20.86
N ILE A 117 -14.63 -24.39 20.60
CA ILE A 117 -14.80 -25.80 20.89
C ILE A 117 -13.61 -26.26 21.72
N VAL A 118 -13.89 -26.90 22.85
CA VAL A 118 -12.89 -27.62 23.61
C VAL A 118 -13.09 -29.09 23.30
N GLY A 119 -12.13 -29.71 22.63
CA GLY A 119 -12.30 -31.09 22.22
C GLY A 119 -11.04 -31.65 21.60
N PHE A 120 -11.14 -32.90 21.17
CA PHE A 120 -9.92 -33.56 20.72
C PHE A 120 -9.94 -33.84 19.22
N PRO A 121 -8.78 -33.91 18.57
CA PRO A 121 -8.75 -34.17 17.13
C PRO A 121 -8.98 -35.64 16.80
N GLY A 122 -9.56 -35.88 15.63
CA GLY A 122 -9.70 -37.25 15.19
C GLY A 122 -10.26 -37.30 13.78
N LYS A 123 -10.42 -38.53 13.29
CA LYS A 123 -11.08 -38.78 12.02
C LYS A 123 -12.28 -39.67 12.26
N SER A 124 -13.41 -39.31 11.65
CA SER A 124 -14.62 -40.10 11.82
C SER A 124 -14.46 -41.47 11.16
N LYS A 125 -15.47 -42.32 11.32
CA LYS A 125 -15.48 -43.58 10.59
C LYS A 125 -15.58 -43.35 9.09
N LYS A 126 -15.97 -42.15 8.67
CA LYS A 126 -16.03 -41.78 7.27
C LYS A 126 -14.73 -41.17 6.77
N GLY A 127 -13.71 -41.06 7.61
CA GLY A 127 -12.45 -40.46 7.20
C GLY A 127 -12.43 -38.96 7.20
N GLU A 128 -13.45 -38.31 7.75
CA GLU A 128 -13.48 -36.85 7.80
C GLU A 128 -12.69 -36.35 9.00
N LEU A 129 -11.75 -35.44 8.74
CA LEU A 129 -11.03 -34.80 9.83
C LEU A 129 -11.99 -33.96 10.65
N SER A 130 -12.00 -34.18 11.95
CA SER A 130 -13.01 -33.59 12.81
C SER A 130 -12.41 -33.22 14.15
N ILE A 131 -12.98 -32.18 14.76
CA ILE A 131 -12.82 -31.92 16.18
C ILE A 131 -13.99 -32.56 16.88
N PHE A 132 -13.71 -33.38 17.90
CA PHE A 132 -14.75 -33.97 18.73
C PHE A 132 -14.90 -33.08 19.94
N PRO A 133 -15.96 -32.26 20.02
CA PRO A 133 -16.07 -31.31 21.13
C PRO A 133 -16.49 -32.01 22.42
N LYS A 134 -15.82 -31.63 23.50
CA LYS A 134 -16.30 -31.92 24.84
C LYS A 134 -17.15 -30.78 25.38
N GLU A 135 -16.92 -29.57 24.87
CA GLU A 135 -17.68 -28.38 25.22
C GLU A 135 -17.64 -27.45 24.02
N THR A 136 -18.77 -26.83 23.70
CA THR A 136 -18.88 -25.96 22.53
C THR A 136 -19.52 -24.65 22.95
N ILE A 137 -18.80 -23.54 22.75
CA ILE A 137 -19.24 -22.23 23.18
C ILE A 137 -19.51 -21.38 21.94
N LEU A 138 -20.75 -20.94 21.79
CA LEU A 138 -21.07 -19.96 20.76
C LEU A 138 -20.36 -18.66 21.07
N LEU A 139 -19.43 -18.26 20.20
CA LEU A 139 -18.68 -17.02 20.40
C LEU A 139 -19.34 -15.82 19.75
N SER A 140 -20.06 -16.02 18.65
CA SER A 140 -20.67 -14.91 17.93
C SER A 140 -21.82 -15.46 17.11
N ALA A 141 -23.04 -15.04 17.41
CA ALA A 141 -24.20 -15.55 16.71
C ALA A 141 -24.36 -14.89 15.35
N CYS A 142 -24.60 -15.72 14.34
CA CYS A 142 -25.02 -15.23 13.03
C CYS A 142 -26.54 -15.11 13.07
N LEU A 143 -27.02 -13.90 13.28
CA LEU A 143 -28.45 -13.69 13.49
C LEU A 143 -29.23 -13.87 12.19
N HIS A 144 -28.67 -13.43 11.07
CA HIS A 144 -29.36 -13.56 9.80
C HIS A 144 -29.20 -14.97 9.23
N MET A 145 -30.06 -15.29 8.27
CA MET A 145 -29.96 -16.56 7.57
C MET A 145 -28.85 -16.47 6.53
N LEU A 146 -27.88 -17.38 6.62
CA LEU A 146 -26.77 -17.37 5.69
C LEU A 146 -27.20 -17.95 4.35
N PRO A 147 -27.06 -17.22 3.25
CA PRO A 147 -27.42 -17.78 1.94
C PRO A 147 -26.61 -19.02 1.64
N MET A 148 -27.24 -19.99 0.98
CA MET A 148 -26.58 -21.24 0.67
C MET A 148 -25.45 -21.02 -0.34
N LYS A 149 -25.80 -20.55 -1.54
CA LYS A 149 -24.79 -20.16 -2.52
C LYS A 149 -25.24 -18.99 -3.38
N TYR A 150 -26.20 -18.20 -2.89
CA TYR A 150 -26.71 -17.06 -3.63
C TYR A 150 -25.74 -15.88 -3.54
N THR A 155 -25.28 -11.86 -7.12
CA THR A 155 -26.10 -10.69 -6.92
C THR A 155 -25.23 -9.54 -6.44
N GLU A 156 -25.74 -8.31 -6.47
CA GLU A 156 -24.94 -7.23 -5.92
C GLU A 156 -24.49 -7.48 -4.49
N ILE A 157 -25.15 -8.40 -3.78
CA ILE A 157 -24.84 -8.60 -2.36
C ILE A 157 -23.38 -8.99 -2.19
N ARG A 158 -22.88 -9.89 -3.04
CA ARG A 158 -21.48 -10.30 -2.98
C ARG A 158 -20.55 -9.10 -2.93
N TYR A 159 -20.91 -8.03 -3.63
CA TYR A 159 -20.05 -6.84 -3.66
C TYR A 159 -20.28 -5.96 -2.43
N ARG A 160 -21.52 -5.82 -1.98
CA ARG A 160 -21.78 -4.93 -0.85
C ARG A 160 -21.41 -5.59 0.48
N GLN A 161 -22.03 -6.72 0.79
CA GLN A 161 -21.68 -7.50 1.97
C GLN A 161 -20.68 -8.56 1.54
N ARG A 162 -19.44 -8.10 1.31
CA ARG A 162 -18.37 -8.98 0.86
C ARG A 162 -18.07 -10.09 1.86
N TYR A 163 -18.40 -9.90 3.14
CA TYR A 163 -18.20 -10.97 4.11
C TYR A 163 -19.04 -12.18 3.76
N LEU A 164 -20.26 -11.97 3.28
CA LEU A 164 -21.09 -13.08 2.83
C LEU A 164 -20.46 -13.81 1.65
N ASP A 165 -19.94 -13.05 0.68
CA ASP A 165 -19.30 -13.66 -0.48
C ASP A 165 -18.09 -14.48 -0.08
N LEU A 166 -17.27 -13.96 0.83
CA LEU A 166 -16.12 -14.71 1.32
C LEU A 166 -16.54 -15.93 2.13
N LEU A 167 -17.67 -15.85 2.83
CA LEU A 167 -18.10 -16.95 3.69
C LEU A 167 -18.69 -18.10 2.90
N ILE A 168 -19.49 -17.82 1.87
CA ILE A 168 -20.21 -18.89 1.19
C ILE A 168 -19.45 -19.40 -0.03
N ASN A 169 -18.86 -18.52 -0.83
CA ASN A 169 -18.15 -18.92 -2.03
C ASN A 169 -16.66 -19.05 -1.71
N GLU A 170 -16.15 -20.28 -1.74
CA GLU A 170 -14.72 -20.50 -1.53
C GLU A 170 -13.90 -19.87 -2.64
N SER A 171 -14.43 -19.84 -3.86
CA SER A 171 -13.71 -19.25 -4.98
C SER A 171 -13.45 -17.77 -4.76
N SER A 172 -14.33 -17.08 -4.04
CA SER A 172 -14.11 -15.65 -3.76
C SER A 172 -12.89 -15.44 -2.88
N ARG A 173 -12.78 -16.22 -1.79
CA ARG A 173 -11.59 -16.14 -0.95
C ARG A 173 -10.35 -16.54 -1.74
N HIS A 174 -10.47 -17.57 -2.58
CA HIS A 174 -9.33 -17.95 -3.42
C HIS A 174 -8.92 -16.79 -4.33
N THR A 175 -9.90 -16.07 -4.88
CA THR A 175 -9.63 -14.92 -5.72
C THR A 175 -8.84 -13.85 -4.98
N PHE A 176 -9.28 -13.50 -3.77
CA PHE A 176 -8.60 -12.41 -3.06
C PHE A 176 -7.26 -12.87 -2.48
N VAL A 177 -7.13 -14.13 -2.11
CA VAL A 177 -5.84 -14.67 -1.73
C VAL A 177 -4.87 -14.61 -2.91
N THR A 178 -5.38 -14.90 -4.11
CA THR A 178 -4.57 -14.73 -5.30
C THR A 178 -4.17 -13.27 -5.51
N ARG A 179 -5.09 -12.34 -5.25
CA ARG A 179 -4.76 -10.92 -5.41
C ARG A 179 -3.61 -10.52 -4.49
N THR A 180 -3.70 -10.89 -3.22
CA THR A 180 -2.62 -10.56 -2.28
C THR A 180 -1.34 -11.30 -2.65
N LYS A 181 -1.45 -12.54 -3.13
CA LYS A 181 -0.27 -13.26 -3.61
C LYS A 181 0.37 -12.56 -4.80
N ILE A 182 -0.44 -11.98 -5.68
CA ILE A 182 0.09 -11.23 -6.82
C ILE A 182 0.84 -10.01 -6.34
N ILE A 183 0.23 -9.24 -5.43
CA ILE A 183 0.89 -8.02 -4.96
C ILE A 183 2.13 -8.36 -4.16
N ASN A 184 2.09 -9.45 -3.39
CA ASN A 184 3.28 -9.94 -2.71
C ASN A 184 4.37 -10.31 -3.70
N PHE A 185 4.00 -11.03 -4.77
CA PHE A 185 4.99 -11.42 -5.77
C PHE A 185 5.59 -10.20 -6.45
N LEU A 186 4.77 -9.20 -6.76
CA LEU A 186 5.27 -8.02 -7.44
C LEU A 186 6.16 -7.18 -6.52
N ARG A 187 5.73 -6.99 -5.27
CA ARG A 187 6.55 -6.30 -4.29
C ARG A 187 7.88 -7.01 -4.10
N ASN A 188 7.85 -8.33 -3.94
CA ASN A 188 9.07 -9.11 -3.78
C ASN A 188 9.94 -9.07 -5.03
N PHE A 189 9.32 -9.15 -6.21
CA PHE A 189 10.05 -9.07 -7.47
C PHE A 189 10.84 -7.78 -7.56
N LEU A 190 10.15 -6.65 -7.38
CA LEU A 190 10.81 -5.36 -7.44
C LEU A 190 11.88 -5.24 -6.35
N ASN A 191 11.56 -5.67 -5.13
CA ASN A 191 12.52 -5.53 -4.03
C ASN A 191 13.77 -6.38 -4.27
N GLU A 192 13.61 -7.60 -4.79
CA GLU A 192 14.75 -8.42 -5.18
C GLU A 192 15.57 -7.74 -6.26
N ARG A 193 14.93 -6.97 -7.14
CA ARG A 193 15.68 -6.20 -8.13
C ARG A 193 16.13 -4.83 -7.60
N GLY A 194 16.26 -4.68 -6.28
CA GLY A 194 16.79 -3.46 -5.71
C GLY A 194 15.86 -2.28 -5.70
N PHE A 195 14.59 -2.47 -6.03
CA PHE A 195 13.66 -1.36 -6.08
C PHE A 195 13.26 -0.94 -4.66
N PHE A 196 12.89 0.33 -4.53
CA PHE A 196 12.63 0.96 -3.24
C PHE A 196 11.17 1.39 -3.20
N GLU A 197 10.41 0.85 -2.26
CA GLU A 197 8.98 1.16 -2.18
C GLU A 197 8.77 2.44 -1.41
N VAL A 198 7.99 3.35 -1.98
CA VAL A 198 7.72 4.66 -1.38
C VAL A 198 6.23 4.91 -1.40
N GLU A 199 5.82 5.95 -0.67
CA GLU A 199 4.49 6.52 -0.77
C GLU A 199 4.60 7.95 -1.25
N THR A 200 3.85 8.27 -2.30
CA THR A 200 3.67 9.62 -2.80
C THR A 200 2.25 10.09 -2.50
N PRO A 201 1.99 11.40 -2.51
CA PRO A 201 0.68 11.87 -2.05
C PRO A 201 -0.47 11.32 -2.87
N MET A 202 -1.60 11.11 -2.20
CA MET A 202 -2.82 10.73 -2.89
C MET A 202 -3.50 11.92 -3.53
N MET A 203 -3.37 13.10 -2.91
CA MET A 203 -3.88 14.35 -3.47
C MET A 203 -2.72 15.27 -3.79
N ASN A 204 -2.80 15.92 -4.94
CA ASN A 204 -1.83 16.93 -5.34
C ASN A 204 -2.59 18.09 -5.96
N LEU A 205 -1.91 19.21 -6.13
CA LEU A 205 -2.54 20.38 -6.74
C LEU A 205 -2.87 20.15 -8.21
N ILE A 206 -2.36 19.08 -8.82
CA ILE A 206 -2.70 18.68 -10.17
C ILE A 206 -2.95 17.18 -10.19
N ALA A 207 -3.37 16.68 -11.36
CA ALA A 207 -3.50 15.24 -11.61
C ALA A 207 -2.75 14.93 -12.90
N GLY A 208 -1.52 14.44 -12.76
CA GLY A 208 -0.71 14.09 -13.91
C GLY A 208 -0.21 12.66 -13.87
N GLY A 209 0.24 12.15 -15.02
CA GLY A 209 0.71 10.78 -15.14
C GLY A 209 -0.08 9.97 -16.15
N ALA A 210 -1.34 10.33 -16.38
CA ALA A 210 -2.18 9.67 -17.37
C ALA A 210 -3.17 10.69 -17.90
N ASN A 211 -4.13 10.22 -18.70
CA ASN A 211 -5.15 11.08 -19.31
C ASN A 211 -6.52 10.64 -18.78
N ALA A 212 -6.96 11.25 -17.70
CA ALA A 212 -8.25 10.89 -17.10
C ALA A 212 -8.76 12.03 -16.26
N ARG A 213 -10.08 12.02 -16.02
CA ARG A 213 -10.69 13.00 -15.14
C ARG A 213 -10.26 12.74 -13.70
N PRO A 214 -9.81 13.76 -12.97
CA PRO A 214 -9.44 13.56 -11.57
C PRO A 214 -10.61 13.79 -10.63
N PHE A 215 -10.56 13.11 -9.50
CA PHE A 215 -11.42 13.46 -8.39
C PHE A 215 -10.92 14.75 -7.74
N ILE A 216 -11.86 15.53 -7.21
CA ILE A 216 -11.55 16.78 -6.53
C ILE A 216 -12.03 16.67 -5.09
N THR A 217 -11.13 16.96 -4.15
CA THR A 217 -11.49 16.94 -2.74
C THR A 217 -10.98 18.21 -2.07
N HIS A 218 -11.76 18.73 -1.12
CA HIS A 218 -11.42 19.98 -0.47
C HIS A 218 -10.58 19.71 0.77
N HIS A 219 -9.44 20.37 0.86
CA HIS A 219 -8.56 20.35 2.03
C HIS A 219 -8.86 21.60 2.85
N ASN A 220 -9.29 21.39 4.11
CA ASN A 220 -9.72 22.53 4.93
C ASN A 220 -8.54 23.33 5.46
N ASP A 221 -7.57 22.66 6.09
CA ASP A 221 -6.50 23.42 6.74
C ASP A 221 -5.63 24.16 5.72
N LEU A 222 -5.42 23.57 4.54
CA LEU A 222 -4.82 24.31 3.44
C LEU A 222 -5.85 25.10 2.65
N ASP A 223 -7.13 24.82 2.82
CA ASP A 223 -8.22 25.58 2.20
C ASP A 223 -8.12 25.58 0.68
N LEU A 224 -7.81 24.42 0.10
CA LEU A 224 -7.64 24.34 -1.34
C LEU A 224 -8.26 23.05 -1.89
N ASP A 225 -8.66 23.09 -3.15
CA ASP A 225 -9.27 21.94 -3.80
C ASP A 225 -8.16 21.12 -4.45
N LEU A 226 -7.78 20.02 -3.80
CA LEU A 226 -6.73 19.14 -4.28
C LEU A 226 -7.31 18.06 -5.19
N TYR A 227 -6.42 17.46 -5.98
CA TYR A 227 -6.80 16.48 -6.98
C TYR A 227 -6.28 15.12 -6.56
N LEU A 228 -7.19 14.15 -6.37
CA LEU A 228 -6.78 12.78 -6.12
C LEU A 228 -5.92 12.29 -7.26
N ARG A 229 -4.77 11.70 -6.92
CA ARG A 229 -3.79 11.35 -7.94
C ARG A 229 -4.37 10.35 -8.94
N ILE A 230 -4.19 10.67 -10.23
CA ILE A 230 -4.55 9.72 -11.28
C ILE A 230 -3.43 8.73 -11.56
N ALA A 231 -2.20 9.08 -11.20
CA ALA A 231 -1.05 8.19 -11.33
C ALA A 231 0.00 8.63 -10.34
N THR A 232 0.97 7.75 -10.10
CA THR A 232 2.10 8.06 -9.23
C THR A 232 3.32 8.48 -10.04
N GLU A 233 3.15 8.72 -11.34
CA GLU A 233 4.26 8.89 -12.26
C GLU A 233 5.16 10.06 -11.85
N LEU A 234 4.57 11.23 -11.63
CA LEU A 234 5.39 12.45 -11.48
C LEU A 234 6.20 12.46 -10.19
N PRO A 235 5.61 12.27 -9.00
CA PRO A 235 6.45 12.26 -7.80
C PRO A 235 7.49 11.14 -7.80
N LEU A 236 7.18 9.99 -8.39
CA LEU A 236 8.15 8.92 -8.50
C LEU A 236 9.34 9.33 -9.38
N LYS A 237 9.06 10.00 -10.50
CA LYS A 237 10.17 10.49 -11.32
C LYS A 237 10.96 11.55 -10.58
N MET A 238 10.28 12.36 -9.76
CA MET A 238 10.99 13.30 -8.91
C MET A 238 11.94 12.58 -7.96
N LEU A 239 11.49 11.45 -7.41
CA LEU A 239 12.38 10.63 -6.57
C LEU A 239 13.55 10.08 -7.37
N ILE A 240 13.32 9.76 -8.65
CA ILE A 240 14.44 9.38 -9.52
C ILE A 240 15.42 10.52 -9.65
N VAL A 241 14.91 11.76 -9.77
CA VAL A 241 15.79 12.93 -9.69
C VAL A 241 16.54 12.95 -8.37
N GLY A 242 15.87 12.57 -7.29
CA GLY A 242 16.44 12.59 -5.96
C GLY A 242 17.44 11.49 -5.68
N GLY A 243 17.80 10.72 -6.70
CA GLY A 243 18.81 9.70 -6.55
C GLY A 243 18.31 8.32 -6.19
N ILE A 244 17.01 8.16 -5.94
CA ILE A 244 16.46 6.81 -5.77
C ILE A 244 16.23 6.26 -7.16
N ASP A 245 17.26 5.64 -7.73
CA ASP A 245 17.24 5.24 -9.14
C ASP A 245 16.33 4.05 -9.39
N LYS A 246 15.99 3.29 -8.36
CA LYS A 246 15.10 2.13 -8.47
C LYS A 246 13.99 2.33 -7.45
N VAL A 247 12.90 2.96 -7.88
CA VAL A 247 11.81 3.34 -6.98
C VAL A 247 10.53 2.72 -7.52
N TYR A 248 9.55 2.54 -6.64
CA TYR A 248 8.23 2.12 -7.06
C TYR A 248 7.22 2.44 -5.97
N GLU A 249 5.94 2.32 -6.34
CA GLU A 249 4.85 2.54 -5.42
C GLU A 249 3.66 1.69 -5.84
N ILE A 250 3.16 0.90 -4.90
CA ILE A 250 1.92 0.14 -5.06
C ILE A 250 0.87 0.83 -4.22
N GLY A 251 -0.15 1.38 -4.87
CA GLY A 251 -1.16 2.09 -4.12
C GLY A 251 -2.33 2.46 -5.01
N LYS A 252 -3.37 2.98 -4.37
CA LYS A 252 -4.57 3.36 -5.10
C LYS A 252 -4.33 4.65 -5.90
N VAL A 253 -4.91 4.68 -7.10
CA VAL A 253 -4.98 5.88 -7.92
C VAL A 253 -6.44 6.05 -8.31
N PHE A 254 -6.82 7.30 -8.54
CA PHE A 254 -8.22 7.68 -8.73
C PHE A 254 -8.38 8.37 -10.07
N ARG A 255 -9.29 7.85 -10.89
CA ARG A 255 -9.64 8.44 -12.18
C ARG A 255 -11.15 8.58 -12.21
N ASN A 256 -11.64 9.83 -12.18
CA ASN A 256 -13.06 10.11 -12.06
C ASN A 256 -13.77 9.91 -13.41
N GLU A 257 -13.73 8.66 -13.86
CA GLU A 257 -14.24 8.32 -15.19
C GLU A 257 -15.24 7.17 -15.11
N GLY A 258 -15.56 6.59 -16.26
CA GLY A 258 -16.62 5.59 -16.32
C GLY A 258 -16.24 4.29 -15.62
N ILE A 259 -17.20 3.74 -14.90
CA ILE A 259 -17.09 2.41 -14.30
C ILE A 259 -17.56 1.39 -15.32
N ASP A 260 -16.70 0.42 -15.63
CA ASP A 260 -17.12 -0.75 -16.39
C ASP A 260 -16.37 -1.96 -15.83
N ASN A 261 -16.52 -3.11 -16.49
CA ASN A 261 -16.01 -4.37 -15.95
C ASN A 261 -14.49 -4.38 -15.84
N THR A 262 -13.80 -3.48 -16.53
CA THR A 262 -12.35 -3.35 -16.41
C THR A 262 -11.91 -1.99 -15.88
N HIS A 263 -12.85 -1.11 -15.54
CA HIS A 263 -12.55 0.24 -15.06
C HIS A 263 -13.21 0.47 -13.72
N ASN A 264 -12.42 0.87 -12.73
CA ASN A 264 -12.92 1.33 -11.44
C ASN A 264 -12.43 2.76 -11.21
N PRO A 265 -13.25 3.62 -10.59
CA PRO A 265 -12.73 4.97 -10.28
C PRO A 265 -11.48 4.96 -9.44
N GLU A 266 -11.38 4.06 -8.47
CA GLU A 266 -10.18 3.87 -7.68
C GLU A 266 -9.65 2.47 -7.95
N PHE A 267 -8.35 2.36 -8.18
CA PHE A 267 -7.78 1.06 -8.48
C PHE A 267 -6.30 1.04 -8.10
N THR A 268 -5.77 -0.17 -7.93
CA THR A 268 -4.42 -0.35 -7.40
C THR A 268 -3.42 -0.33 -8.55
N SER A 269 -2.70 0.78 -8.67
CA SER A 269 -1.58 0.87 -9.59
C SER A 269 -0.30 0.41 -8.89
N CYS A 270 0.62 -0.12 -9.68
CA CYS A 270 2.01 -0.23 -9.27
C CYS A 270 2.88 0.45 -10.32
N GLU A 271 3.54 1.53 -9.93
CA GLU A 271 4.41 2.23 -10.87
C GLU A 271 5.84 2.15 -10.35
N PHE A 272 6.73 1.63 -11.18
CA PHE A 272 8.16 1.61 -10.88
C PHE A 272 8.91 2.45 -11.88
N TYR A 273 9.98 3.08 -11.40
CA TYR A 273 10.86 3.90 -12.21
C TYR A 273 12.29 3.45 -11.95
N TRP A 274 12.99 3.15 -13.03
CA TRP A 274 14.24 2.40 -13.02
C TRP A 274 15.22 3.18 -13.87
N ALA A 275 16.18 3.85 -13.22
CA ALA A 275 17.10 4.71 -13.95
C ALA A 275 18.03 3.87 -14.82
N TYR A 276 18.51 4.48 -15.91
CA TYR A 276 19.43 3.87 -16.85
C TYR A 276 18.85 2.61 -17.48
N ALA A 277 17.53 2.47 -17.43
CA ALA A 277 16.80 1.41 -18.11
C ALA A 277 16.12 1.97 -19.34
N ASP A 278 16.21 1.25 -20.45
CA ASP A 278 15.67 1.70 -21.71
C ASP A 278 14.40 0.93 -22.04
N TYR A 279 13.90 1.14 -23.26
CA TYR A 279 12.67 0.48 -23.69
C TYR A 279 12.79 -1.04 -23.62
N ASN A 280 13.95 -1.58 -23.99
CA ASN A 280 14.14 -3.02 -23.95
C ASN A 280 14.24 -3.53 -22.52
N ASP A 281 14.82 -2.75 -21.61
CA ASP A 281 14.82 -3.15 -20.20
C ASP A 281 13.39 -3.24 -19.67
N LEU A 282 12.54 -2.28 -20.06
CA LEU A 282 11.13 -2.34 -19.64
C LEU A 282 10.41 -3.52 -20.28
N ILE A 283 10.70 -3.80 -21.55
CA ILE A 283 10.07 -4.93 -22.23
C ILE A 283 10.46 -6.24 -21.56
N LYS A 284 11.76 -6.42 -21.31
CA LYS A 284 12.24 -7.62 -20.65
C LYS A 284 11.72 -7.72 -19.23
N TRP A 285 11.61 -6.57 -18.54
CA TRP A 285 11.04 -6.59 -17.19
C TRP A 285 9.58 -7.04 -17.22
N SER A 286 8.80 -6.52 -18.18
CA SER A 286 7.40 -6.91 -18.27
C SER A 286 7.27 -8.40 -18.55
N GLU A 287 8.07 -8.90 -19.51
CA GLU A 287 8.00 -10.30 -19.85
C GLU A 287 8.44 -11.18 -18.69
N ASP A 288 9.57 -10.86 -18.07
CA ASP A 288 10.04 -11.60 -16.90
C ASP A 288 8.99 -11.60 -15.80
N PHE A 289 8.45 -10.42 -15.49
CA PHE A 289 7.50 -10.30 -14.38
C PHE A 289 6.25 -11.12 -14.64
N PHE A 290 5.64 -10.96 -15.80
CA PHE A 290 4.38 -11.66 -16.05
C PHE A 290 4.60 -13.16 -16.16
N SER A 291 5.65 -13.59 -16.86
CA SER A 291 5.92 -15.02 -16.97
C SER A 291 6.20 -15.63 -15.61
N GLN A 292 7.04 -14.97 -14.80
CA GLN A 292 7.38 -15.51 -13.49
C GLN A 292 6.20 -15.49 -12.54
N LEU A 293 5.37 -14.44 -12.60
CA LEU A 293 4.19 -14.38 -11.74
C LEU A 293 3.18 -15.46 -12.10
N VAL A 294 2.94 -15.66 -13.40
CA VAL A 294 2.00 -16.70 -13.82
C VAL A 294 2.52 -18.08 -13.46
N TYR A 295 3.82 -18.32 -13.66
CA TYR A 295 4.43 -19.59 -13.24
C TYR A 295 4.32 -19.78 -11.74
N HIS A 296 4.47 -18.71 -10.99
CA HIS A 296 4.38 -18.79 -9.53
C HIS A 296 3.00 -19.16 -9.11
N LEU A 297 2.03 -18.51 -9.70
CA LEU A 297 0.65 -18.71 -9.29
C LEU A 297 0.05 -20.00 -9.82
N PHE A 298 0.65 -20.61 -10.86
CA PHE A 298 0.01 -21.76 -11.47
C PHE A 298 0.93 -22.93 -11.76
N GLY A 299 2.25 -22.77 -11.68
CA GLY A 299 3.13 -23.83 -12.14
C GLY A 299 3.17 -24.01 -13.63
N THR A 300 2.57 -23.07 -14.37
CA THR A 300 2.58 -23.10 -15.83
C THR A 300 2.51 -21.66 -16.33
N TYR A 301 2.90 -21.47 -17.59
CA TYR A 301 2.80 -20.18 -18.23
C TYR A 301 1.48 -20.00 -18.98
N LYS A 302 0.71 -21.06 -19.16
CA LYS A 302 -0.56 -21.02 -19.87
C LYS A 302 -1.69 -21.12 -18.86
N ILE A 303 -2.59 -20.15 -18.87
CA ILE A 303 -3.74 -20.14 -17.96
C ILE A 303 -5.01 -20.04 -18.77
N SER A 304 -6.09 -20.60 -18.24
CA SER A 304 -7.39 -20.45 -18.87
C SER A 304 -8.06 -19.19 -18.37
N TYR A 305 -8.83 -18.55 -19.25
CA TYR A 305 -9.55 -17.33 -18.89
C TYR A 305 -10.85 -17.27 -19.65
N ASN A 306 -11.95 -17.08 -18.92
CA ASN A 306 -13.28 -16.96 -19.51
C ASN A 306 -13.46 -15.52 -19.95
N LYS A 307 -12.89 -15.20 -21.11
CA LYS A 307 -13.03 -13.85 -21.66
C LYS A 307 -14.48 -13.53 -21.99
N ASP A 308 -15.18 -14.48 -22.63
CA ASP A 308 -16.57 -14.31 -23.00
C ASP A 308 -17.53 -14.78 -21.92
N GLY A 309 -17.08 -14.79 -20.66
CA GLY A 309 -17.93 -15.16 -19.56
C GLY A 309 -17.87 -16.65 -19.23
N PRO A 310 -18.51 -17.05 -18.13
CA PRO A 310 -18.47 -18.47 -17.74
C PRO A 310 -19.35 -19.37 -18.60
N GLU A 311 -20.29 -18.81 -19.35
CA GLU A 311 -21.18 -19.62 -20.19
C GLU A 311 -20.52 -20.04 -21.50
N ASN A 312 -19.41 -19.43 -21.87
CA ASN A 312 -18.71 -19.76 -23.10
C ASN A 312 -17.37 -20.41 -22.77
N GLN A 313 -16.84 -21.14 -23.74
CA GLN A 313 -15.59 -21.86 -23.53
C GLN A 313 -14.46 -20.87 -23.26
N PRO A 314 -13.58 -21.18 -22.30
CA PRO A 314 -12.48 -20.26 -22.00
C PRO A 314 -11.43 -20.26 -23.09
N ILE A 315 -10.68 -19.16 -23.14
CA ILE A 315 -9.53 -19.02 -24.03
C ILE A 315 -8.27 -19.22 -23.21
N GLU A 316 -7.32 -19.96 -23.76
CA GLU A 316 -6.05 -20.21 -23.09
C GLU A 316 -5.08 -19.09 -23.44
N ILE A 317 -4.65 -18.34 -22.43
CA ILE A 317 -3.66 -17.28 -22.61
C ILE A 317 -2.31 -17.87 -22.24
N ASP A 318 -1.37 -17.79 -23.18
CA ASP A 318 -0.02 -18.29 -23.00
C ASP A 318 0.87 -17.12 -22.58
N PHE A 319 1.31 -17.12 -21.32
CA PHE A 319 2.23 -16.10 -20.83
C PHE A 319 3.69 -16.47 -21.06
N THR A 320 3.97 -17.32 -22.04
CA THR A 320 5.35 -17.71 -22.33
C THR A 320 6.05 -16.57 -23.06
N PRO A 321 7.15 -16.03 -22.52
CA PRO A 321 7.84 -14.93 -23.19
C PRO A 321 8.65 -15.44 -24.37
N PRO A 322 9.07 -14.55 -25.28
CA PRO A 322 8.81 -13.10 -25.31
C PRO A 322 7.39 -12.80 -25.76
N TYR A 323 6.85 -11.68 -25.35
CA TYR A 323 5.56 -11.42 -25.96
C TYR A 323 5.73 -10.57 -27.22
N PRO A 324 4.85 -10.71 -28.20
CA PRO A 324 4.97 -9.91 -29.42
C PRO A 324 4.86 -8.42 -29.14
N LYS A 325 5.63 -7.65 -29.88
CA LYS A 325 5.58 -6.21 -29.78
C LYS A 325 5.03 -5.72 -31.10
N VAL A 326 4.09 -4.81 -31.07
CA VAL A 326 3.45 -4.26 -32.26
C VAL A 326 3.51 -2.75 -32.18
N SER A 327 4.04 -2.08 -33.20
CA SER A 327 4.02 -0.63 -33.21
C SER A 327 2.65 -0.21 -33.61
N ILE A 328 2.08 0.71 -32.86
CA ILE A 328 0.71 1.12 -33.09
C ILE A 328 0.53 1.76 -34.42
N VAL A 329 1.35 2.73 -34.75
CA VAL A 329 1.13 3.47 -35.97
C VAL A 329 1.45 2.64 -37.18
N GLU A 330 2.49 1.85 -37.10
CA GLU A 330 2.77 0.96 -38.23
C GLU A 330 1.60 0.03 -38.50
N GLU A 331 1.04 -0.58 -37.45
CA GLU A 331 -0.04 -1.53 -37.67
C GLU A 331 -1.36 -0.85 -38.00
N ILE A 332 -1.60 0.36 -37.50
CA ILE A 332 -2.79 1.09 -37.95
C ILE A 332 -2.67 1.45 -39.42
N GLU A 333 -1.49 1.91 -39.85
CA GLU A 333 -1.31 2.21 -41.26
C GLU A 333 -1.40 0.96 -42.12
N LYS A 334 -0.98 -0.19 -41.59
CA LYS A 334 -1.08 -1.45 -42.33
C LYS A 334 -2.53 -1.90 -42.45
N VAL A 335 -3.22 -2.03 -41.31
CA VAL A 335 -4.59 -2.55 -41.30
C VAL A 335 -5.53 -1.61 -42.04
N THR A 336 -5.42 -0.31 -41.78
CA THR A 336 -6.31 0.66 -42.41
C THR A 336 -5.84 1.11 -43.78
N ASN A 337 -4.62 0.77 -44.17
CA ASN A 337 -4.07 1.10 -45.50
C ASN A 337 -4.08 2.60 -45.76
N THR A 338 -3.81 3.39 -44.71
CA THR A 338 -3.68 4.84 -44.81
C THR A 338 -2.56 5.30 -43.88
N ILE A 339 -1.62 6.09 -44.40
CA ILE A 339 -0.59 6.66 -43.54
C ILE A 339 -1.17 7.79 -42.72
N LEU A 340 -0.81 7.81 -41.43
CA LEU A 340 -1.12 8.93 -40.54
C LEU A 340 0.07 9.86 -40.56
N GLU A 341 -0.05 10.96 -41.31
CA GLU A 341 1.06 11.88 -41.51
C GLU A 341 1.34 12.66 -40.23
N GLN A 342 2.58 12.93 -39.94
CA GLN A 342 2.83 13.69 -38.76
C GLN A 342 2.87 15.15 -39.16
N PRO A 343 2.60 16.05 -38.22
CA PRO A 343 2.25 15.71 -36.83
C PRO A 343 0.89 15.05 -36.75
N PHE A 344 0.69 14.12 -35.82
CA PHE A 344 -0.55 13.35 -35.80
C PHE A 344 -1.76 14.18 -35.43
N ASP A 345 -1.58 15.40 -34.89
CA ASP A 345 -2.68 16.30 -34.60
C ASP A 345 -2.81 17.41 -35.63
N SER A 346 -2.19 17.25 -36.80
CA SER A 346 -2.47 18.15 -37.91
C SER A 346 -3.90 17.97 -38.38
N ASN A 347 -4.46 19.03 -38.97
CA ASN A 347 -5.82 18.94 -39.48
C ASN A 347 -5.96 17.78 -40.47
N GLU A 348 -4.99 17.61 -41.32
CA GLU A 348 -5.08 16.50 -42.21
C GLU A 348 -5.15 15.23 -41.43
N THR A 349 -4.13 14.97 -40.61
CA THR A 349 -4.07 13.68 -39.93
C THR A 349 -5.27 13.46 -39.02
N ILE A 350 -5.71 14.50 -38.31
CA ILE A 350 -6.89 14.39 -37.46
C ILE A 350 -8.08 13.96 -38.29
N GLU A 351 -8.34 14.66 -39.40
CA GLU A 351 -9.48 14.33 -40.23
C GLU A 351 -9.32 12.97 -40.89
N LYS A 352 -8.09 12.59 -41.24
CA LYS A 352 -7.86 11.27 -41.84
C LYS A 352 -8.21 10.16 -40.86
N MET A 353 -7.81 10.31 -39.60
CA MET A 353 -8.16 9.32 -38.59
C MET A 353 -9.67 9.29 -38.37
N ILE A 354 -10.33 10.46 -38.36
CA ILE A 354 -11.79 10.47 -38.23
C ILE A 354 -12.43 9.76 -39.41
N ASN A 355 -11.89 9.94 -40.63
CA ASN A 355 -12.43 9.26 -41.80
C ASN A 355 -12.27 7.75 -41.68
N ILE A 356 -11.10 7.30 -41.23
CA ILE A 356 -10.89 5.86 -41.06
C ILE A 356 -11.87 5.31 -40.03
N ILE A 357 -12.13 6.07 -38.98
CA ILE A 357 -13.07 5.63 -37.95
C ILE A 357 -14.50 5.59 -38.50
N LYS A 358 -14.88 6.61 -39.29
CA LYS A 358 -16.23 6.70 -39.82
C LYS A 358 -16.51 5.60 -40.83
N GLU A 359 -15.55 5.31 -41.71
CA GLU A 359 -15.72 4.23 -42.67
C GLU A 359 -15.93 2.88 -41.98
N HIS A 360 -15.34 2.69 -40.80
CA HIS A 360 -15.38 1.42 -40.10
C HIS A 360 -16.48 1.34 -39.06
N LYS A 361 -17.31 2.38 -38.93
CA LYS A 361 -18.40 2.41 -37.96
C LYS A 361 -17.89 2.17 -36.53
N ILE A 362 -16.65 2.58 -36.26
CA ILE A 362 -16.07 2.52 -34.93
C ILE A 362 -16.39 3.81 -34.20
N GLU A 363 -16.71 3.72 -32.92
CA GLU A 363 -17.22 4.89 -32.20
C GLU A 363 -16.17 5.99 -32.13
N LEU A 364 -16.58 7.20 -32.47
CA LEU A 364 -15.69 8.36 -32.38
C LEU A 364 -15.59 8.81 -30.93
N PRO A 365 -14.39 8.88 -30.35
CA PRO A 365 -14.27 9.22 -28.94
C PRO A 365 -14.46 10.71 -28.68
N ASN A 366 -14.93 11.00 -27.46
CA ASN A 366 -15.10 12.36 -26.97
C ASN A 366 -13.91 12.75 -26.10
N PRO A 367 -13.18 13.83 -26.44
CA PRO A 367 -13.30 14.61 -27.67
C PRO A 367 -12.52 13.92 -28.78
N PRO A 368 -12.74 14.24 -30.06
CA PRO A 368 -11.93 13.63 -31.13
C PRO A 368 -10.53 14.23 -31.23
N THR A 369 -9.81 14.17 -30.11
CA THR A 369 -8.41 14.57 -30.11
C THR A 369 -7.56 13.46 -30.72
N ALA A 370 -6.45 13.88 -31.34
CA ALA A 370 -5.64 12.95 -32.11
C ALA A 370 -5.13 11.80 -31.24
N ALA A 371 -4.80 12.08 -29.98
CA ALA A 371 -4.43 11.01 -29.07
C ALA A 371 -5.60 10.07 -28.81
N LYS A 372 -6.79 10.62 -28.58
CA LYS A 372 -7.96 9.78 -28.34
C LYS A 372 -8.35 9.02 -29.60
N LEU A 373 -8.27 9.66 -30.77
CA LEU A 373 -8.56 8.95 -32.02
C LEU A 373 -7.55 7.84 -32.26
N LEU A 374 -6.27 8.09 -31.96
CA LEU A 374 -5.26 7.05 -32.11
C LEU A 374 -5.52 5.89 -31.16
N ASP A 375 -5.91 6.19 -29.93
CA ASP A 375 -6.24 5.13 -28.98
C ASP A 375 -7.44 4.33 -29.46
N GLN A 376 -8.45 5.00 -30.03
CA GLN A 376 -9.60 4.28 -30.56
C GLN A 376 -9.21 3.42 -31.75
N LEU A 377 -8.36 3.93 -32.63
CA LEU A 377 -7.90 3.15 -33.78
C LEU A 377 -7.15 1.92 -33.32
N ALA A 378 -6.26 2.09 -32.34
CA ALA A 378 -5.53 0.96 -31.79
C ALA A 378 -6.47 -0.04 -31.14
N SER A 379 -7.43 0.46 -30.35
CA SER A 379 -8.40 -0.40 -29.69
C SER A 379 -9.15 -1.25 -30.70
N HIS A 380 -9.63 -0.64 -31.78
CA HIS A 380 -10.40 -1.40 -32.76
C HIS A 380 -9.51 -2.36 -33.54
N PHE A 381 -8.38 -1.88 -34.06
CA PHE A 381 -7.68 -2.61 -35.11
C PHE A 381 -6.56 -3.51 -34.61
N ILE A 382 -5.98 -3.24 -33.44
CA ILE A 382 -4.83 -4.03 -33.01
C ILE A 382 -4.93 -4.55 -31.59
N GLU A 383 -5.81 -4.01 -30.74
CA GLU A 383 -5.86 -4.44 -29.35
C GLU A 383 -6.55 -5.77 -29.15
N ASN A 384 -7.43 -6.18 -30.06
CA ASN A 384 -8.18 -7.42 -29.88
C ASN A 384 -7.86 -8.49 -30.92
N LYS A 385 -6.59 -8.60 -31.29
CA LYS A 385 -6.15 -9.52 -32.33
C LYS A 385 -5.06 -10.48 -31.90
N TYR A 386 -4.48 -10.30 -30.73
CA TYR A 386 -3.81 -11.36 -29.98
C TYR A 386 -4.62 -11.58 -28.71
N ASN A 387 -5.25 -12.74 -28.60
CA ASN A 387 -5.92 -13.13 -27.39
C ASN A 387 -5.39 -14.43 -26.79
N ASP A 388 -4.60 -15.20 -27.53
CA ASP A 388 -3.97 -16.39 -26.99
C ASP A 388 -2.74 -16.08 -26.14
N LYS A 389 -2.10 -14.95 -26.35
CA LYS A 389 -0.99 -14.53 -25.51
C LYS A 389 -1.09 -13.04 -25.26
N PRO A 390 -0.51 -12.54 -24.17
CA PRO A 390 -0.40 -11.09 -24.00
C PRO A 390 0.61 -10.51 -24.99
N PHE A 391 0.45 -9.22 -25.27
CA PHE A 391 1.33 -8.59 -26.26
C PHE A 391 1.47 -7.11 -25.97
N PHE A 392 2.54 -6.51 -26.51
CA PHE A 392 2.80 -5.10 -26.33
C PHE A 392 2.43 -4.32 -27.58
N ILE A 393 1.60 -3.30 -27.42
CA ILE A 393 1.49 -2.23 -28.40
C ILE A 393 2.54 -1.19 -28.03
N VAL A 394 3.43 -0.87 -28.98
CA VAL A 394 4.63 -0.13 -28.63
C VAL A 394 4.81 1.06 -29.56
N GLU A 395 5.70 1.96 -29.14
CA GLU A 395 6.13 3.12 -29.93
C GLU A 395 4.96 4.03 -30.27
N HIS A 396 4.27 4.47 -29.22
CA HIS A 396 3.13 5.35 -29.40
C HIS A 396 3.60 6.73 -29.85
N PRO A 397 2.75 7.45 -30.58
CA PRO A 397 3.07 8.85 -30.91
C PRO A 397 3.26 9.68 -29.64
N GLN A 398 4.13 10.69 -29.75
CA GLN A 398 4.43 11.53 -28.59
C GLN A 398 3.19 12.25 -28.09
N ILE A 399 2.25 12.58 -28.98
CA ILE A 399 1.02 13.24 -28.55
C ILE A 399 0.19 12.33 -27.66
N MET A 400 0.35 11.02 -27.77
CA MET A 400 -0.32 10.09 -26.87
C MET A 400 0.36 10.05 -25.50
N SER A 401 1.68 10.24 -25.46
CA SER A 401 2.47 10.07 -24.24
C SER A 401 3.43 11.24 -24.10
N PRO A 402 2.95 12.38 -23.61
CA PRO A 402 3.84 13.55 -23.47
C PRO A 402 5.00 13.31 -22.54
N LEU A 403 4.88 12.40 -21.58
CA LEU A 403 5.92 12.15 -20.60
C LEU A 403 6.88 11.05 -21.03
N ALA A 404 6.73 10.51 -22.24
CA ALA A 404 7.61 9.47 -22.74
C ALA A 404 8.76 10.09 -23.53
N LYS A 405 9.94 9.47 -23.41
CA LYS A 405 11.08 9.88 -24.21
C LYS A 405 10.80 9.66 -25.68
N TYR A 406 11.44 10.46 -26.52
CA TYR A 406 11.27 10.33 -27.96
C TYR A 406 11.88 9.02 -28.45
N HIS A 407 11.26 8.41 -29.44
CA HIS A 407 11.85 7.25 -30.09
C HIS A 407 13.16 7.66 -30.77
N ARG A 408 14.20 6.84 -30.57
CA ARG A 408 15.53 7.21 -31.07
C ARG A 408 15.55 7.27 -32.59
N THR A 409 14.92 6.30 -33.26
CA THR A 409 15.01 6.18 -34.71
C THR A 409 13.70 6.45 -35.43
N LYS A 410 12.57 6.41 -34.74
CA LYS A 410 11.28 6.63 -35.38
C LYS A 410 10.75 8.01 -34.97
N PRO A 411 10.71 8.98 -35.87
CA PRO A 411 10.31 10.33 -35.48
C PRO A 411 8.83 10.40 -35.13
N GLY A 412 8.52 11.31 -34.19
CA GLY A 412 7.16 11.47 -33.70
C GLY A 412 6.65 10.35 -32.83
N LEU A 413 7.39 9.24 -32.72
CA LEU A 413 7.00 8.13 -31.87
C LEU A 413 7.74 8.20 -30.53
N THR A 414 7.40 7.26 -29.66
CA THR A 414 8.02 7.15 -28.35
C THR A 414 8.60 5.75 -28.20
N GLU A 415 9.25 5.51 -27.06
CA GLU A 415 9.70 4.17 -26.69
C GLU A 415 8.72 3.53 -25.71
N ARG A 416 7.44 3.80 -25.93
CA ARG A 416 6.38 3.34 -25.05
C ARG A 416 6.02 1.89 -25.32
N LEU A 417 5.71 1.15 -24.26
CA LEU A 417 5.17 -0.19 -24.37
C LEU A 417 3.91 -0.28 -23.51
N GLU A 418 2.86 -0.86 -24.06
CA GLU A 418 1.64 -1.05 -23.30
C GLU A 418 1.20 -2.47 -23.49
N MET A 419 1.24 -3.28 -22.45
CA MET A 419 0.90 -4.68 -22.58
C MET A 419 -0.56 -4.93 -22.38
N PHE A 420 -1.11 -5.76 -23.24
CA PHE A 420 -2.51 -6.04 -23.17
C PHE A 420 -2.74 -7.49 -22.91
N ILE A 421 -3.78 -7.81 -22.16
CA ILE A 421 -4.15 -9.20 -21.95
C ILE A 421 -5.60 -9.25 -22.33
N CYS A 422 -5.92 -10.05 -23.32
CA CYS A 422 -7.28 -10.18 -23.77
C CYS A 422 -7.88 -8.83 -24.07
N GLY A 423 -7.11 -7.95 -24.65
CA GLY A 423 -7.65 -6.68 -25.09
C GLY A 423 -7.74 -5.63 -24.07
N LYS A 424 -7.18 -5.92 -22.91
CA LYS A 424 -7.26 -4.98 -21.82
C LYS A 424 -5.90 -4.54 -21.42
N GLU A 425 -5.73 -3.24 -21.25
CA GLU A 425 -4.45 -2.67 -20.90
C GLU A 425 -4.10 -2.97 -19.49
N VAL A 426 -3.14 -3.82 -19.29
CA VAL A 426 -2.65 -4.11 -17.95
C VAL A 426 -1.32 -3.43 -17.63
N LEU A 427 -0.56 -2.99 -18.63
CA LEU A 427 0.76 -2.43 -18.38
C LEU A 427 0.99 -1.26 -19.32
N ASN A 428 1.44 -0.14 -18.76
CA ASN A 428 1.81 1.04 -19.55
C ASN A 428 3.22 1.46 -19.16
N ALA A 429 4.14 1.41 -20.11
CA ALA A 429 5.52 1.68 -19.77
C ALA A 429 6.20 2.43 -20.91
N TYR A 430 7.25 3.17 -20.58
CA TYR A 430 8.06 3.83 -21.59
C TYR A 430 9.35 4.36 -20.99
N THR A 431 10.28 4.69 -21.87
CA THR A 431 11.42 5.50 -21.46
C THR A 431 10.93 6.89 -21.09
N GLU A 432 11.28 7.33 -19.89
CA GLU A 432 10.89 8.65 -19.42
C GLU A 432 11.61 9.73 -20.19
N LEU A 433 10.89 10.78 -20.53
CA LEU A 433 11.48 11.96 -21.16
C LEU A 433 12.19 12.77 -20.08
N ASN A 434 13.52 12.81 -20.15
CA ASN A 434 14.34 13.49 -19.16
C ASN A 434 14.83 14.86 -19.62
N ASP A 435 14.49 15.26 -20.84
CA ASP A 435 14.90 16.53 -21.42
C ASP A 435 13.83 17.57 -21.14
N PRO A 436 14.03 18.45 -20.15
CA PRO A 436 12.96 19.41 -19.79
C PRO A 436 12.55 20.32 -20.94
N PHE A 437 13.50 20.72 -21.79
CA PHE A 437 13.16 21.55 -22.94
C PHE A 437 12.30 20.79 -23.94
N LYS A 438 12.53 19.49 -24.09
CA LYS A 438 11.73 18.67 -24.98
C LYS A 438 10.35 18.37 -24.43
N GLN A 439 10.05 18.80 -23.20
CA GLN A 439 8.76 18.55 -22.56
C GLN A 439 7.88 19.78 -22.76
N LYS A 440 6.80 19.62 -23.53
CA LYS A 440 5.76 20.63 -23.56
C LYS A 440 5.05 20.67 -22.21
N GLU A 441 4.26 21.71 -21.99
CA GLU A 441 3.59 22.00 -20.72
C GLU A 441 4.57 22.28 -19.58
N CYS A 442 5.85 22.46 -19.89
CA CYS A 442 6.86 22.90 -18.92
C CYS A 442 7.15 24.37 -19.18
N PHE A 443 6.57 25.23 -18.35
CA PHE A 443 6.77 26.67 -18.50
C PHE A 443 7.30 27.26 -17.20
N GLN A 459 -2.50 17.13 -16.42
CA GLN A 459 -1.98 18.47 -16.19
C GLN A 459 -0.47 18.45 -16.00
N LEU A 460 0.11 19.61 -15.70
CA LEU A 460 1.56 19.75 -15.56
C LEU A 460 1.89 20.38 -14.21
N ASP A 461 3.07 20.03 -13.70
CA ASP A 461 3.55 20.53 -12.42
C ASP A 461 4.76 21.42 -12.64
N SER A 462 4.71 22.64 -12.07
CA SER A 462 5.92 23.44 -11.97
C SER A 462 6.96 22.72 -11.13
N ALA A 463 6.53 22.02 -10.09
CA ALA A 463 7.47 21.23 -9.29
C ALA A 463 8.11 20.13 -10.10
N PHE A 464 7.33 19.40 -10.91
CA PHE A 464 7.89 18.31 -11.71
C PHE A 464 8.81 18.85 -12.80
N CYS A 465 8.41 19.93 -13.48
CA CYS A 465 9.26 20.50 -14.50
C CYS A 465 10.56 21.02 -13.92
N THR A 466 10.49 21.66 -12.75
CA THR A 466 11.69 22.12 -12.07
C THR A 466 12.57 20.95 -11.66
N SER A 467 11.96 19.83 -11.26
CA SER A 467 12.74 18.64 -10.97
C SER A 467 13.45 18.12 -12.22
N LEU A 468 12.77 18.17 -13.36
CA LEU A 468 13.40 17.81 -14.61
C LEU A 468 14.59 18.71 -14.91
N GLU A 469 14.44 20.01 -14.65
CA GLU A 469 15.54 20.95 -14.85
C GLU A 469 16.72 20.65 -13.94
N TYR A 470 16.51 19.94 -12.84
CA TYR A 470 17.59 19.54 -11.94
C TYR A 470 18.28 18.26 -12.40
N GLY A 471 17.79 17.63 -13.46
CA GLY A 471 18.43 16.45 -14.00
C GLY A 471 17.72 15.17 -13.62
N LEU A 472 16.91 14.66 -14.54
CA LEU A 472 16.36 13.32 -14.42
C LEU A 472 17.25 12.39 -15.22
N PRO A 473 17.85 11.37 -14.62
CA PRO A 473 18.67 10.44 -15.40
C PRO A 473 17.79 9.67 -16.37
N PRO A 474 18.37 9.13 -17.45
CA PRO A 474 17.60 8.24 -18.33
C PRO A 474 16.90 7.17 -17.52
N THR A 475 15.58 7.15 -17.58
CA THR A 475 14.77 6.29 -16.73
C THR A 475 13.80 5.52 -17.62
N GLY A 476 13.43 4.33 -17.17
CA GLY A 476 12.29 3.61 -17.70
C GLY A 476 11.22 3.49 -16.63
N GLY A 477 10.00 3.88 -16.99
CA GLY A 477 8.87 3.82 -16.08
C GLY A 477 7.88 2.79 -16.56
N LEU A 478 7.21 2.15 -15.61
CA LEU A 478 6.22 1.13 -15.90
C LEU A 478 5.10 1.23 -14.89
N GLY A 479 3.90 0.97 -15.36
CA GLY A 479 2.72 1.00 -14.51
C GLY A 479 1.89 -0.24 -14.75
N LEU A 480 1.41 -0.82 -13.65
CA LEU A 480 0.69 -2.06 -13.64
C LEU A 480 -0.70 -1.80 -13.10
N GLY A 481 -1.72 -2.24 -13.85
CA GLY A 481 -3.05 -2.28 -13.31
C GLY A 481 -3.21 -3.60 -12.59
N ILE A 482 -3.00 -3.55 -11.27
CA ILE A 482 -2.96 -4.76 -10.47
C ILE A 482 -4.34 -5.40 -10.41
N ASP A 483 -5.39 -4.57 -10.38
CA ASP A 483 -6.75 -5.11 -10.39
C ASP A 483 -7.03 -5.89 -11.67
N ARG A 484 -6.59 -5.36 -12.82
CA ARG A 484 -6.81 -6.06 -14.09
C ARG A 484 -5.97 -7.33 -14.18
N ILE A 485 -4.71 -7.26 -13.76
CA ILE A 485 -3.85 -8.44 -13.73
C ILE A 485 -4.49 -9.52 -12.86
N THR A 486 -5.01 -9.12 -11.70
CA THR A 486 -5.70 -10.05 -10.82
C THR A 486 -6.94 -10.63 -11.49
N MET A 487 -7.70 -9.79 -12.20
CA MET A 487 -8.84 -10.28 -12.98
C MET A 487 -8.42 -11.41 -13.88
N PHE A 488 -7.30 -11.25 -14.59
CA PHE A 488 -6.89 -12.28 -15.53
C PHE A 488 -6.38 -13.52 -14.82
N LEU A 489 -5.65 -13.35 -13.73
CA LEU A 489 -5.07 -14.51 -13.04
C LEU A 489 -6.01 -15.12 -12.01
N THR A 490 -7.22 -14.57 -11.85
CA THR A 490 -8.25 -15.19 -11.03
C THR A 490 -9.47 -15.60 -11.84
N ASN A 491 -9.40 -15.49 -13.18
CA ASN A 491 -10.50 -15.85 -14.07
C ASN A 491 -11.78 -15.11 -13.70
N LYS A 492 -11.67 -13.80 -13.55
CA LYS A 492 -12.80 -12.93 -13.26
C LYS A 492 -13.01 -11.98 -14.43
N ASN A 493 -14.26 -11.85 -14.87
CA ASN A 493 -14.57 -10.98 -15.99
C ASN A 493 -14.74 -9.53 -15.58
N SER A 494 -15.08 -9.28 -14.32
CA SER A 494 -15.33 -7.93 -13.82
C SER A 494 -14.28 -7.55 -12.79
N ILE A 495 -13.90 -6.27 -12.80
CA ILE A 495 -12.99 -5.75 -11.79
C ILE A 495 -13.64 -5.70 -10.41
N LYS A 496 -14.97 -5.70 -10.36
CA LYS A 496 -15.66 -5.76 -9.09
C LYS A 496 -15.46 -7.10 -8.40
N ASP A 497 -15.01 -8.11 -9.13
CA ASP A 497 -14.76 -9.44 -8.60
C ASP A 497 -13.37 -9.60 -7.99
N VAL A 498 -12.48 -8.63 -8.19
CA VAL A 498 -11.13 -8.69 -7.66
C VAL A 498 -10.85 -7.58 -6.65
N ILE A 499 -11.80 -6.67 -6.44
CA ILE A 499 -11.72 -5.65 -5.40
C ILE A 499 -12.68 -6.06 -4.30
N LEU A 500 -12.22 -6.01 -3.05
CA LEU A 500 -13.01 -6.54 -1.93
C LEU A 500 -14.31 -5.77 -1.76
N PHE A 501 -14.25 -4.44 -1.81
CA PHE A 501 -15.43 -3.59 -1.70
C PHE A 501 -15.42 -2.59 -2.86
N PRO A 502 -15.72 -3.05 -4.07
CA PRO A 502 -15.79 -2.12 -5.20
C PRO A 502 -16.89 -1.10 -4.96
N THR A 503 -16.63 0.14 -5.38
CA THR A 503 -17.58 1.21 -5.14
C THR A 503 -18.89 0.94 -5.88
N MET A 504 -19.99 1.01 -5.15
CA MET A 504 -21.30 0.60 -5.65
C MET A 504 -22.32 1.70 -5.42
N ARG A 505 -23.42 1.61 -6.16
CA ARG A 505 -24.53 2.53 -5.97
C ARG A 505 -25.37 2.11 -4.78
N PRO A 506 -25.61 3.00 -3.81
CA PRO A 506 -26.49 2.64 -2.70
C PRO A 506 -27.91 2.34 -3.19
N ALA A 507 -28.56 1.41 -2.49
CA ALA A 507 -29.89 0.96 -2.89
C ALA A 507 -30.98 1.61 -2.04
N VAL B 3 26.99 32.80 -9.93
CA VAL B 3 26.56 33.32 -8.64
C VAL B 3 25.05 33.57 -8.67
N ASP B 4 24.50 33.74 -9.86
CA ASP B 4 23.07 33.97 -10.03
C ASP B 4 22.38 32.65 -10.36
N PRO B 5 21.43 32.20 -9.54
CA PRO B 5 20.65 31.00 -9.93
C PRO B 5 19.99 31.10 -11.29
N ARG B 6 19.31 32.21 -11.58
CA ARG B 6 18.59 32.32 -12.85
C ARG B 6 19.54 32.41 -14.03
N LEU B 7 20.63 33.18 -13.88
CA LEU B 7 21.61 33.26 -14.96
C LEU B 7 22.29 31.91 -15.20
N TYR B 8 22.61 31.19 -14.14
CA TYR B 8 23.20 29.86 -14.30
C TYR B 8 22.22 28.93 -15.01
N PHE B 9 20.95 28.96 -14.62
CA PHE B 9 19.94 28.17 -15.31
C PHE B 9 19.86 28.51 -16.79
N GLU B 10 19.80 29.81 -17.10
CA GLU B 10 19.62 30.23 -18.50
C GLU B 10 20.85 29.90 -19.34
N ASN B 11 22.06 30.10 -18.82
CA ASN B 11 23.22 29.81 -19.64
C ASN B 11 23.49 28.31 -19.73
N ARG B 12 23.09 27.53 -18.72
CA ARG B 12 23.13 26.08 -18.89
C ARG B 12 22.14 25.62 -19.95
N SER B 13 20.96 26.26 -20.01
CA SER B 13 20.00 25.92 -21.07
C SER B 13 20.50 26.34 -22.44
N LYS B 14 21.16 27.50 -22.53
CA LYS B 14 21.77 27.93 -23.78
C LYS B 14 22.87 26.96 -24.20
N PHE B 15 23.66 26.48 -23.25
CA PHE B 15 24.65 25.45 -23.53
C PHE B 15 23.99 24.16 -23.99
N ILE B 16 22.82 23.84 -23.43
CA ILE B 16 22.06 22.66 -23.87
C ILE B 16 21.68 22.80 -25.34
N GLN B 17 21.12 23.96 -25.70
CA GLN B 17 20.72 24.18 -27.09
C GLN B 17 21.93 24.17 -28.02
N ASP B 18 23.04 24.76 -27.58
CA ASP B 18 24.29 24.64 -28.32
C ASP B 18 24.61 23.18 -28.58
N GLN B 19 24.81 22.40 -27.51
CA GLN B 19 25.19 21.00 -27.64
C GLN B 19 24.27 20.24 -28.58
N LYS B 20 22.96 20.50 -28.48
CA LYS B 20 22.03 19.85 -29.40
C LYS B 20 22.28 20.30 -30.84
N ASP B 21 22.63 21.57 -31.03
CA ASP B 21 22.91 22.09 -32.36
C ASP B 21 24.28 21.68 -32.89
N LYS B 22 25.15 21.11 -32.05
CA LYS B 22 26.45 20.63 -32.51
C LYS B 22 26.47 19.12 -32.65
N GLY B 23 25.31 18.49 -32.83
CA GLY B 23 25.22 17.05 -32.99
C GLY B 23 25.41 16.24 -31.73
N ILE B 24 25.71 16.87 -30.61
CA ILE B 24 25.95 16.18 -29.35
C ILE B 24 24.63 16.03 -28.62
N ASN B 25 24.40 14.85 -28.04
CA ASN B 25 23.15 14.59 -27.34
C ASN B 25 23.39 14.69 -25.84
N PRO B 26 22.95 15.74 -25.17
CA PRO B 26 23.14 15.84 -23.71
C PRO B 26 22.13 15.03 -22.92
N TYR B 27 21.13 14.44 -23.58
CA TYR B 27 20.18 13.51 -22.95
C TYR B 27 20.13 12.25 -23.79
N PRO B 28 21.20 11.45 -23.79
CA PRO B 28 21.22 10.25 -24.63
C PRO B 28 20.18 9.23 -24.18
N HIS B 29 19.76 8.40 -25.14
CA HIS B 29 18.66 7.49 -24.92
C HIS B 29 19.00 6.43 -23.89
N LYS B 30 20.07 5.67 -24.13
CA LYS B 30 20.39 4.53 -23.27
C LYS B 30 21.89 4.43 -23.08
N PHE B 31 22.30 4.24 -21.84
CA PHE B 31 23.69 3.94 -21.49
C PHE B 31 23.74 2.56 -20.89
N GLU B 32 24.47 1.64 -21.52
CA GLU B 32 24.57 0.28 -21.03
C GLU B 32 25.43 0.20 -19.78
N ARG B 33 24.94 0.75 -18.68
CA ARG B 33 25.66 0.68 -17.41
C ARG B 33 25.81 -0.78 -16.99
N THR B 34 27.04 -1.17 -16.68
CA THR B 34 27.35 -2.54 -16.31
C THR B 34 27.38 -2.76 -14.81
N ILE B 35 27.87 -1.78 -14.05
CA ILE B 35 27.96 -1.89 -12.60
C ILE B 35 27.33 -0.65 -11.98
N SER B 36 26.79 -0.82 -10.77
CA SER B 36 26.21 0.28 -10.03
C SER B 36 27.21 0.78 -8.99
N ILE B 37 26.99 2.00 -8.52
CA ILE B 37 27.92 2.62 -7.59
C ILE B 37 28.07 1.82 -6.30
N PRO B 38 27.00 1.39 -5.62
CA PRO B 38 27.21 0.52 -4.44
C PRO B 38 27.94 -0.78 -4.79
N GLU B 39 27.53 -1.44 -5.87
CA GLU B 39 28.25 -2.62 -6.34
C GLU B 39 29.71 -2.30 -6.62
N PHE B 40 29.99 -1.08 -7.07
CA PHE B 40 31.36 -0.66 -7.33
C PHE B 40 32.15 -0.52 -6.03
N ILE B 41 31.56 0.14 -5.02
CA ILE B 41 32.24 0.35 -3.75
C ILE B 41 32.21 -0.96 -2.97
N GLU B 42 31.64 -2.01 -3.56
CA GLU B 42 31.79 -3.32 -2.94
C GLU B 42 32.85 -4.18 -3.63
N LYS B 43 32.85 -4.24 -4.95
CA LYS B 43 33.79 -5.11 -5.64
C LYS B 43 35.20 -4.55 -5.60
N TYR B 44 35.36 -3.30 -5.25
CA TYR B 44 36.66 -2.64 -5.24
C TYR B 44 36.89 -1.84 -3.97
N LYS B 45 36.10 -2.09 -2.92
CA LYS B 45 36.27 -1.37 -1.66
C LYS B 45 37.65 -1.60 -1.06
N ASP B 46 38.05 -2.87 -0.99
CA ASP B 46 39.34 -3.26 -0.43
C ASP B 46 40.25 -3.62 -1.60
N LEU B 47 40.96 -2.62 -2.12
CA LEU B 47 41.97 -2.82 -3.14
C LEU B 47 43.16 -1.96 -2.79
N GLY B 48 44.34 -2.39 -3.23
CA GLY B 48 45.57 -1.68 -2.91
C GLY B 48 45.52 -0.21 -3.31
N ASN B 49 45.97 0.67 -2.43
CA ASN B 49 46.10 2.07 -2.79
C ASN B 49 47.06 2.20 -3.96
N GLY B 50 46.59 2.76 -5.06
CA GLY B 50 47.32 2.77 -6.31
C GLY B 50 47.10 1.58 -7.21
N GLU B 51 46.21 0.65 -6.83
CA GLU B 51 45.98 -0.56 -7.63
C GLU B 51 44.93 -0.26 -8.69
N HIS B 52 45.40 0.01 -9.91
CA HIS B 52 44.52 0.14 -11.06
C HIS B 52 44.37 -1.20 -11.77
N LEU B 53 43.32 -1.30 -12.59
CA LEU B 53 43.04 -2.53 -13.34
C LEU B 53 42.69 -2.12 -14.77
N GLU B 54 43.72 -2.03 -15.62
CA GLU B 54 43.53 -1.52 -16.98
C GLU B 54 42.65 -2.44 -17.82
N ASP B 55 42.70 -3.75 -17.58
CA ASP B 55 42.01 -4.69 -18.44
C ASP B 55 40.50 -4.68 -18.23
N THR B 56 40.04 -4.47 -16.99
CA THR B 56 38.63 -4.61 -16.67
C THR B 56 37.89 -3.30 -16.99
N ILE B 57 36.98 -3.37 -17.94
CA ILE B 57 36.23 -2.21 -18.40
C ILE B 57 34.84 -2.25 -17.79
N LEU B 58 34.36 -1.08 -17.36
CA LEU B 58 33.12 -0.96 -16.62
C LEU B 58 32.38 0.30 -17.08
N ASN B 59 31.08 0.16 -17.29
CA ASN B 59 30.19 1.30 -17.53
C ASN B 59 29.40 1.55 -16.26
N ILE B 60 29.53 2.76 -15.72
CA ILE B 60 28.96 3.12 -14.43
C ILE B 60 28.26 4.46 -14.58
N THR B 61 27.16 4.64 -13.87
CA THR B 61 26.48 5.92 -13.90
C THR B 61 26.53 6.57 -12.53
N GLY B 62 26.20 7.85 -12.50
CA GLY B 62 26.10 8.54 -11.23
C GLY B 62 25.76 10.00 -11.44
N ARG B 63 25.78 10.75 -10.35
CA ARG B 63 25.58 12.19 -10.37
C ARG B 63 26.83 12.87 -9.84
N ILE B 64 27.32 13.85 -10.59
CA ILE B 64 28.49 14.60 -10.16
C ILE B 64 28.09 15.56 -9.05
N MET B 65 28.78 15.45 -7.92
CA MET B 65 28.50 16.30 -6.76
C MET B 65 29.66 17.21 -6.40
N ARG B 66 30.81 17.10 -7.07
CA ARG B 66 31.97 17.92 -6.77
C ARG B 66 32.89 17.91 -7.97
N VAL B 67 33.58 19.03 -8.18
CA VAL B 67 34.51 19.19 -9.30
C VAL B 67 35.82 19.74 -8.78
N SER B 68 36.91 19.42 -9.49
CA SER B 68 38.23 19.92 -9.16
C SER B 68 39.19 19.70 -10.33
N LYS B 73 45.21 18.56 -17.44
CA LYS B 73 45.28 17.19 -17.92
C LYS B 73 45.03 16.20 -16.78
N LEU B 74 44.41 16.69 -15.71
CA LEU B 74 44.11 15.86 -14.55
C LEU B 74 42.91 16.49 -13.85
N ARG B 75 41.73 15.89 -14.03
CA ARG B 75 40.49 16.36 -13.42
C ARG B 75 40.03 15.37 -12.36
N PHE B 76 39.32 15.90 -11.36
CA PHE B 76 38.82 15.08 -10.26
C PHE B 76 37.35 15.42 -10.01
N PHE B 77 36.51 14.39 -9.96
CA PHE B 77 35.08 14.54 -9.75
C PHE B 77 34.62 13.65 -8.60
N ASP B 78 33.38 13.88 -8.16
CA ASP B 78 32.73 13.04 -7.16
C ASP B 78 31.45 12.49 -7.76
N LEU B 79 31.30 11.17 -7.74
CA LEU B 79 30.14 10.50 -8.30
C LEU B 79 29.31 9.88 -7.18
N VAL B 80 28.02 10.19 -7.15
CA VAL B 80 27.11 9.61 -6.17
C VAL B 80 26.07 8.79 -6.91
N GLY B 81 25.78 7.60 -6.39
CA GLY B 81 24.72 6.79 -6.94
C GLY B 81 24.11 5.91 -5.88
N ASP B 82 22.78 5.98 -5.74
CA ASP B 82 22.07 5.29 -4.66
C ASP B 82 22.64 5.67 -3.30
N GLY B 83 22.95 6.95 -3.13
CA GLY B 83 23.44 7.48 -1.87
C GLY B 83 24.78 6.96 -1.42
N GLU B 84 25.70 6.75 -2.37
CA GLU B 84 27.05 6.30 -2.07
C GLU B 84 28.01 6.96 -3.03
N LYS B 85 29.19 7.32 -2.54
CA LYS B 85 30.13 8.16 -3.27
C LYS B 85 31.37 7.38 -3.71
N ILE B 86 31.88 7.78 -4.87
CA ILE B 86 33.21 7.39 -5.36
C ILE B 86 33.86 8.63 -5.94
N GLN B 87 35.16 8.53 -6.21
CA GLN B 87 35.88 9.57 -6.91
C GLN B 87 35.98 9.22 -8.39
N VAL B 88 36.25 10.24 -9.20
CA VAL B 88 36.49 10.09 -10.62
C VAL B 88 37.81 10.78 -10.96
N LEU B 89 38.72 10.04 -11.56
CA LEU B 89 40.04 10.54 -11.93
C LEU B 89 40.12 10.61 -13.45
N ALA B 90 39.88 11.79 -14.01
CA ALA B 90 39.93 12.01 -15.45
C ALA B 90 41.37 12.32 -15.82
N ASN B 91 42.06 11.33 -16.40
CA ASN B 91 43.41 11.50 -16.91
C ASN B 91 43.42 11.06 -18.36
N TYR B 92 43.86 11.94 -19.25
CA TYR B 92 43.89 11.63 -20.69
C TYR B 92 44.92 10.58 -21.05
N SER B 93 45.65 10.02 -20.06
CA SER B 93 46.52 8.89 -20.34
C SER B 93 45.73 7.68 -20.80
N PHE B 94 44.57 7.44 -20.18
CA PHE B 94 43.69 6.35 -20.56
C PHE B 94 42.44 6.79 -21.31
N HIS B 95 42.28 8.09 -21.57
CA HIS B 95 41.07 8.62 -22.17
C HIS B 95 41.04 8.36 -23.67
N ASN B 96 39.85 8.05 -24.19
CA ASN B 96 39.64 7.75 -25.61
C ASN B 96 39.24 9.06 -26.30
N HIS B 97 40.19 9.65 -27.02
CA HIS B 97 39.94 10.91 -27.72
C HIS B 97 39.08 10.75 -28.96
N GLU B 98 38.92 9.53 -29.47
CA GLU B 98 38.10 9.32 -30.67
C GLU B 98 36.62 9.55 -30.41
N LYS B 99 36.20 9.52 -29.14
CA LYS B 99 34.84 9.84 -28.77
C LYS B 99 34.71 11.27 -28.24
N GLY B 100 35.65 12.14 -28.59
CA GLY B 100 35.71 13.50 -28.08
C GLY B 100 37.02 13.82 -27.41
N ASN B 101 37.51 15.05 -27.56
CA ASN B 101 38.75 15.43 -26.92
C ASN B 101 38.53 15.58 -25.42
N PHE B 102 39.51 15.14 -24.64
CA PHE B 102 39.35 15.16 -23.18
C PHE B 102 39.13 16.57 -22.67
N ALA B 103 39.92 17.52 -23.18
CA ALA B 103 39.81 18.92 -22.76
C ALA B 103 38.36 19.39 -22.84
N GLU B 104 37.80 19.41 -24.06
CA GLU B 104 36.43 19.90 -24.24
C GLU B 104 35.43 19.09 -23.44
N CYS B 105 35.64 17.78 -23.34
CA CYS B 105 34.66 16.89 -22.75
C CYS B 105 34.66 16.91 -21.23
N TYR B 106 35.65 17.53 -20.57
CA TYR B 106 35.61 17.52 -19.11
C TYR B 106 35.36 18.86 -18.45
N ASP B 107 35.92 19.97 -18.96
CA ASP B 107 35.52 21.28 -18.43
C ASP B 107 34.04 21.55 -18.66
N LYS B 108 33.45 20.83 -19.62
CA LYS B 108 32.05 21.00 -19.95
C LYS B 108 31.14 20.56 -18.80
N ILE B 109 31.51 19.50 -18.10
CA ILE B 109 30.68 18.95 -17.04
C ILE B 109 30.60 19.92 -15.87
N ARG B 110 29.38 20.19 -15.41
CA ARG B 110 29.14 21.02 -14.24
C ARG B 110 28.62 20.14 -13.10
N ARG B 111 28.36 20.78 -11.96
CA ARG B 111 27.90 20.05 -10.78
C ARG B 111 26.45 19.60 -10.96
N GLY B 112 26.13 18.43 -10.40
CA GLY B 112 24.80 17.87 -10.47
C GLY B 112 24.51 17.10 -11.73
N ASP B 113 25.46 17.05 -12.68
CA ASP B 113 25.23 16.31 -13.91
C ASP B 113 25.17 14.82 -13.62
N ILE B 114 24.11 14.19 -14.10
CA ILE B 114 24.06 12.74 -14.20
C ILE B 114 24.92 12.33 -15.38
N VAL B 115 25.98 11.59 -15.12
CA VAL B 115 26.94 11.20 -16.14
C VAL B 115 27.08 9.67 -16.16
N GLY B 116 27.36 9.16 -17.35
CA GLY B 116 27.79 7.79 -17.55
C GLY B 116 29.25 7.78 -17.89
N ILE B 117 29.95 6.74 -17.44
CA ILE B 117 31.40 6.67 -17.44
C ILE B 117 31.83 5.29 -17.89
N VAL B 118 32.63 5.22 -18.95
CA VAL B 118 33.27 3.99 -19.37
C VAL B 118 34.73 4.08 -18.95
N GLY B 119 35.14 3.21 -18.03
CA GLY B 119 36.48 3.29 -17.51
C GLY B 119 36.84 2.07 -16.70
N PHE B 120 37.92 2.20 -15.94
CA PHE B 120 38.41 1.08 -15.16
C PHE B 120 38.51 1.45 -13.68
N PRO B 121 38.20 0.52 -12.78
CA PRO B 121 38.33 0.81 -11.35
C PRO B 121 39.79 0.92 -10.94
N GLY B 122 40.00 1.57 -9.80
CA GLY B 122 41.35 1.61 -9.25
C GLY B 122 41.40 2.46 -8.00
N LYS B 123 42.60 2.54 -7.45
CA LYS B 123 42.90 3.46 -6.35
C LYS B 123 44.03 4.37 -6.79
N SER B 124 44.06 5.57 -6.22
CA SER B 124 45.07 6.55 -6.56
C SER B 124 46.27 6.41 -5.63
N LYS B 125 47.28 7.26 -5.84
CA LYS B 125 48.42 7.29 -4.94
C LYS B 125 48.03 7.77 -3.55
N LYS B 126 46.90 8.46 -3.42
CA LYS B 126 46.42 8.94 -2.14
C LYS B 126 45.48 7.96 -1.45
N GLY B 127 45.21 6.81 -2.06
CA GLY B 127 44.35 5.81 -1.47
C GLY B 127 42.87 5.97 -1.75
N GLU B 128 42.47 7.00 -2.49
CA GLU B 128 41.07 7.22 -2.81
C GLU B 128 40.61 6.22 -3.88
N LEU B 129 39.47 5.59 -3.65
CA LEU B 129 38.90 4.67 -4.62
C LEU B 129 38.20 5.44 -5.71
N SER B 130 38.53 5.16 -6.97
CA SER B 130 38.00 5.93 -8.08
C SER B 130 37.85 5.02 -9.29
N ILE B 131 37.18 5.54 -10.31
CA ILE B 131 37.19 4.97 -11.66
C ILE B 131 37.87 5.96 -12.59
N PHE B 132 38.80 5.46 -13.41
CA PHE B 132 39.44 6.26 -14.43
C PHE B 132 38.66 6.08 -15.72
N PRO B 133 37.97 7.11 -16.21
CA PRO B 133 37.18 6.97 -17.44
C PRO B 133 38.03 7.12 -18.68
N LYS B 134 38.00 6.10 -19.53
CA LYS B 134 38.48 6.26 -20.90
C LYS B 134 37.56 7.14 -21.72
N GLU B 135 36.34 7.37 -21.25
CA GLU B 135 35.31 8.13 -21.95
C GLU B 135 34.20 8.43 -20.96
N THR B 136 33.68 9.66 -21.00
CA THR B 136 32.62 10.08 -20.09
C THR B 136 31.54 10.80 -20.88
N ILE B 137 30.28 10.42 -20.64
CA ILE B 137 29.13 10.95 -21.36
C ILE B 137 28.21 11.62 -20.36
N LEU B 138 27.74 12.83 -20.69
CA LEU B 138 26.68 13.45 -19.92
C LEU B 138 25.35 12.78 -20.24
N LEU B 139 24.64 12.37 -19.19
CA LEU B 139 23.33 11.75 -19.36
C LEU B 139 22.18 12.69 -19.07
N SER B 140 22.33 13.60 -18.11
CA SER B 140 21.29 14.56 -17.79
C SER B 140 21.92 15.72 -17.02
N ALA B 141 21.94 16.91 -17.63
CA ALA B 141 22.57 18.06 -17.00
C ALA B 141 21.68 18.63 -15.90
N CYS B 142 22.31 19.09 -14.82
CA CYS B 142 21.62 19.81 -13.76
C CYS B 142 21.69 21.30 -14.09
N LEU B 143 20.58 21.85 -14.57
CA LEU B 143 20.57 23.23 -15.06
C LEU B 143 20.49 24.26 -13.95
N HIS B 144 19.97 23.91 -12.78
CA HIS B 144 20.01 24.77 -11.62
C HIS B 144 21.20 24.40 -10.73
N MET B 145 21.63 25.34 -9.92
CA MET B 145 22.72 25.09 -8.97
C MET B 145 22.16 24.40 -7.72
N LEU B 146 22.73 23.25 -7.39
CA LEU B 146 22.33 22.52 -6.20
C LEU B 146 23.02 23.12 -4.98
N PRO B 147 22.27 23.52 -3.95
CA PRO B 147 22.92 24.05 -2.74
C PRO B 147 23.56 22.96 -1.90
N MET B 148 24.20 23.34 -0.80
CA MET B 148 24.82 22.39 0.11
C MET B 148 24.20 22.39 1.50
N LYS B 149 23.82 23.56 2.03
CA LYS B 149 23.29 23.64 3.38
C LYS B 149 21.77 23.57 3.42
N TYR B 150 21.11 24.53 2.75
CA TYR B 150 19.65 24.61 2.73
C TYR B 150 19.04 24.55 4.12
N THR B 155 13.44 26.99 5.26
CA THR B 155 14.11 25.83 4.67
C THR B 155 13.09 24.87 4.07
N GLU B 156 12.06 25.45 3.43
CA GLU B 156 11.00 24.67 2.81
C GLU B 156 11.45 24.00 1.52
N ILE B 157 12.67 24.27 1.05
CA ILE B 157 13.22 23.55 -0.10
C ILE B 157 13.24 22.05 0.18
N ARG B 158 13.48 21.68 1.44
CA ARG B 158 13.53 20.27 1.83
C ARG B 158 12.21 19.57 1.52
N TYR B 159 11.08 20.18 1.90
CA TYR B 159 9.79 19.54 1.74
C TYR B 159 9.23 19.68 0.33
N ARG B 160 9.50 20.81 -0.33
CA ARG B 160 8.91 21.05 -1.65
C ARG B 160 9.68 20.31 -2.74
N GLN B 161 10.96 20.63 -2.90
CA GLN B 161 11.83 19.96 -3.87
C GLN B 161 12.60 18.88 -3.12
N ARG B 162 11.90 17.77 -2.83
CA ARG B 162 12.46 16.69 -2.03
C ARG B 162 13.64 16.03 -2.72
N TYR B 163 13.70 16.10 -4.05
CA TYR B 163 14.80 15.49 -4.78
C TYR B 163 16.14 16.11 -4.36
N LEU B 164 16.17 17.42 -4.15
CA LEU B 164 17.39 18.05 -3.62
C LEU B 164 17.70 17.53 -2.22
N ASP B 165 16.69 17.37 -1.38
CA ASP B 165 16.92 16.87 -0.02
C ASP B 165 17.49 15.46 -0.04
N LEU B 166 17.08 14.63 -1.00
CA LEU B 166 17.59 13.27 -1.09
C LEU B 166 18.95 13.21 -1.75
N LEU B 167 19.26 14.15 -2.65
CA LEU B 167 20.57 14.19 -3.29
C LEU B 167 21.64 14.78 -2.37
N ILE B 168 21.27 15.72 -1.50
CA ILE B 168 22.23 16.52 -0.74
C ILE B 168 22.44 15.91 0.64
N ASN B 169 21.38 15.85 1.44
CA ASN B 169 21.52 15.61 2.87
C ASN B 169 21.98 14.18 3.15
N GLU B 170 21.35 13.20 2.50
CA GLU B 170 21.67 11.78 2.62
C GLU B 170 21.29 11.25 4.00
N SER B 171 20.91 12.15 4.90
CA SER B 171 20.24 11.77 6.13
C SER B 171 18.74 11.66 5.93
N SER B 172 18.19 12.47 5.03
CA SER B 172 16.82 12.28 4.59
C SER B 172 16.68 10.99 3.79
N ARG B 173 17.68 10.66 2.97
CA ARG B 173 17.66 9.39 2.27
C ARG B 173 17.63 8.24 3.27
N HIS B 174 18.48 8.31 4.30
CA HIS B 174 18.44 7.29 5.34
C HIS B 174 17.10 7.30 6.07
N THR B 175 16.51 8.49 6.25
CA THR B 175 15.20 8.59 6.89
C THR B 175 14.14 7.81 6.12
N PHE B 176 14.10 8.00 4.81
CA PHE B 176 13.06 7.35 4.02
C PHE B 176 13.38 5.88 3.73
N VAL B 177 14.66 5.51 3.67
CA VAL B 177 15.02 4.10 3.64
C VAL B 177 14.61 3.42 4.94
N THR B 178 14.75 4.12 6.07
CA THR B 178 14.24 3.59 7.32
C THR B 178 12.72 3.51 7.32
N ARG B 179 12.05 4.48 6.69
CA ARG B 179 10.60 4.42 6.58
C ARG B 179 10.16 3.17 5.81
N THR B 180 10.78 2.93 4.65
CA THR B 180 10.42 1.76 3.86
C THR B 180 10.84 0.49 4.57
N LYS B 181 11.96 0.51 5.31
CA LYS B 181 12.34 -0.63 6.11
C LYS B 181 11.32 -0.91 7.21
N ILE B 182 10.77 0.15 7.81
CA ILE B 182 9.77 -0.01 8.86
C ILE B 182 8.49 -0.62 8.29
N ILE B 183 8.04 -0.10 7.15
CA ILE B 183 6.81 -0.63 6.54
C ILE B 183 7.03 -2.05 6.04
N ASN B 184 8.19 -2.30 5.44
CA ASN B 184 8.56 -3.66 5.04
C ASN B 184 8.53 -4.60 6.24
N PHE B 185 9.21 -4.21 7.32
CA PHE B 185 9.25 -5.05 8.51
C PHE B 185 7.86 -5.28 9.07
N LEU B 186 7.01 -4.25 9.06
CA LEU B 186 5.65 -4.42 9.54
C LEU B 186 4.88 -5.41 8.68
N ARG B 187 5.02 -5.30 7.35
CA ARG B 187 4.35 -6.23 6.46
C ARG B 187 4.84 -7.66 6.68
N ASN B 188 6.16 -7.83 6.79
CA ASN B 188 6.73 -9.16 7.04
C ASN B 188 6.32 -9.70 8.41
N PHE B 189 6.32 -8.84 9.42
CA PHE B 189 5.94 -9.21 10.78
C PHE B 189 4.50 -9.69 10.83
N LEU B 190 3.60 -8.95 10.18
CA LEU B 190 2.20 -9.37 10.14
C LEU B 190 2.03 -10.63 9.30
N ASN B 191 2.68 -10.69 8.14
CA ASN B 191 2.51 -11.83 7.24
C ASN B 191 2.97 -13.13 7.89
N GLU B 192 4.12 -13.09 8.57
CA GLU B 192 4.60 -14.28 9.27
C GLU B 192 3.63 -14.72 10.35
N ARG B 193 2.94 -13.77 10.97
CA ARG B 193 1.92 -14.07 11.97
C ARG B 193 0.59 -14.46 11.36
N GLY B 194 0.59 -14.84 10.08
CA GLY B 194 -0.62 -15.30 9.42
C GLY B 194 -1.54 -14.20 8.95
N PHE B 195 -1.10 -12.95 8.95
CA PHE B 195 -1.98 -11.86 8.57
C PHE B 195 -2.04 -11.70 7.04
N PHE B 196 -3.22 -11.37 6.56
CA PHE B 196 -3.52 -11.31 5.14
C PHE B 196 -3.70 -9.85 4.75
N GLU B 197 -2.85 -9.35 3.85
CA GLU B 197 -2.92 -7.96 3.44
C GLU B 197 -4.00 -7.78 2.37
N VAL B 198 -4.82 -6.76 2.56
CA VAL B 198 -5.94 -6.48 1.66
C VAL B 198 -5.96 -5.00 1.36
N GLU B 199 -6.83 -4.63 0.43
CA GLU B 199 -7.12 -3.23 0.14
C GLU B 199 -8.61 -3.00 0.27
N THR B 200 -8.97 -2.08 1.14
CA THR B 200 -10.32 -1.60 1.31
C THR B 200 -10.44 -0.22 0.68
N PRO B 201 -11.66 0.20 0.32
CA PRO B 201 -11.79 1.44 -0.47
C PRO B 201 -11.20 2.65 0.24
N MET B 202 -10.57 3.52 -0.55
CA MET B 202 -10.19 4.83 -0.05
C MET B 202 -11.36 5.80 -0.09
N MET B 203 -12.36 5.54 -0.93
CA MET B 203 -13.58 6.33 -1.01
C MET B 203 -14.73 5.53 -0.43
N ASN B 204 -15.51 6.15 0.45
CA ASN B 204 -16.64 5.52 1.11
C ASN B 204 -17.89 6.35 0.87
N LEU B 205 -19.02 5.81 1.31
CA LEU B 205 -20.28 6.56 1.36
C LEU B 205 -20.50 7.26 2.70
N ILE B 206 -19.66 6.97 3.69
CA ILE B 206 -19.79 7.54 5.03
C ILE B 206 -18.38 7.74 5.58
N ALA B 207 -18.23 8.75 6.44
CA ALA B 207 -16.98 8.95 7.16
C ALA B 207 -17.02 8.19 8.49
N ASN B 211 -13.72 10.31 14.72
CA ASN B 211 -14.43 11.56 14.95
C ASN B 211 -13.64 12.75 14.40
N ALA B 212 -13.72 12.96 13.09
CA ALA B 212 -13.02 14.06 12.45
C ALA B 212 -13.71 14.36 11.13
N ARG B 213 -13.41 15.53 10.58
CA ARG B 213 -14.04 15.94 9.33
C ARG B 213 -13.56 15.06 8.18
N PRO B 214 -14.44 14.75 7.22
CA PRO B 214 -14.05 13.92 6.09
C PRO B 214 -13.48 14.74 4.93
N PHE B 215 -12.82 14.03 4.01
CA PHE B 215 -12.46 14.58 2.72
C PHE B 215 -13.60 14.27 1.75
N ILE B 216 -14.31 15.29 1.30
CA ILE B 216 -15.41 15.09 0.37
C ILE B 216 -14.90 15.18 -1.06
N THR B 217 -15.22 14.17 -1.86
CA THR B 217 -14.98 14.18 -3.30
C THR B 217 -16.30 13.85 -3.97
N HIS B 218 -16.38 14.09 -5.28
CA HIS B 218 -17.58 13.79 -6.04
C HIS B 218 -17.24 12.81 -7.15
N HIS B 219 -17.97 11.69 -7.21
CA HIS B 219 -17.88 10.80 -8.35
C HIS B 219 -18.93 11.20 -9.37
N ASN B 220 -18.46 11.41 -10.61
CA ASN B 220 -19.27 12.02 -11.66
C ASN B 220 -20.26 11.02 -12.25
N ASP B 221 -19.79 9.82 -12.59
CA ASP B 221 -20.67 8.82 -13.22
C ASP B 221 -21.83 8.48 -12.30
N LEU B 222 -21.55 8.24 -11.03
CA LEU B 222 -22.60 7.98 -10.05
C LEU B 222 -23.24 9.25 -9.53
N ASP B 223 -22.68 10.42 -9.86
CA ASP B 223 -23.23 11.71 -9.43
C ASP B 223 -23.46 11.74 -7.93
N LEU B 224 -22.47 11.28 -7.16
CA LEU B 224 -22.66 11.24 -5.72
C LEU B 224 -21.37 11.57 -5.00
N ASP B 225 -21.51 12.14 -3.81
CA ASP B 225 -20.36 12.51 -3.00
C ASP B 225 -19.84 11.30 -2.22
N LEU B 226 -18.53 11.09 -2.28
CA LEU B 226 -17.84 10.01 -1.59
C LEU B 226 -16.86 10.61 -0.61
N TYR B 227 -16.74 10.01 0.57
CA TYR B 227 -15.85 10.52 1.60
C TYR B 227 -14.61 9.64 1.68
N LEU B 228 -13.44 10.27 1.57
CA LEU B 228 -12.18 9.57 1.75
C LEU B 228 -12.17 8.95 3.14
N ARG B 229 -11.74 7.70 3.22
CA ARG B 229 -11.80 6.96 4.47
C ARG B 229 -10.98 7.68 5.55
N ILE B 230 -11.59 7.82 6.74
CA ILE B 230 -10.86 8.29 7.89
C ILE B 230 -10.07 7.16 8.53
N ALA B 231 -10.50 5.92 8.31
CA ALA B 231 -9.81 4.74 8.80
C ALA B 231 -10.15 3.56 7.90
N THR B 232 -9.35 2.51 8.00
CA THR B 232 -9.65 1.25 7.34
C THR B 232 -10.50 0.33 8.21
N GLU B 233 -10.92 0.84 9.38
CA GLU B 233 -11.62 0.11 10.43
C GLU B 233 -12.77 -0.78 9.97
N LEU B 234 -13.84 -0.17 9.44
CA LEU B 234 -15.07 -0.91 9.18
C LEU B 234 -14.91 -2.00 8.14
N PRO B 235 -14.35 -1.74 6.95
CA PRO B 235 -14.21 -2.83 5.97
C PRO B 235 -13.29 -3.94 6.43
N LEU B 236 -12.23 -3.62 7.18
CA LEU B 236 -11.38 -4.68 7.72
C LEU B 236 -12.14 -5.56 8.70
N LYS B 237 -12.97 -4.94 9.55
CA LYS B 237 -13.81 -5.73 10.44
C LYS B 237 -14.77 -6.61 9.65
N MET B 238 -15.37 -6.06 8.59
CA MET B 238 -16.25 -6.86 7.75
C MET B 238 -15.52 -8.04 7.13
N LEU B 239 -14.26 -7.83 6.74
CA LEU B 239 -13.43 -8.93 6.25
C LEU B 239 -13.23 -9.98 7.33
N ILE B 240 -13.08 -9.56 8.59
CA ILE B 240 -13.03 -10.52 9.68
C ILE B 240 -14.31 -11.34 9.71
N VAL B 241 -15.46 -10.69 9.52
CA VAL B 241 -16.72 -11.43 9.43
C VAL B 241 -16.65 -12.46 8.31
N GLY B 242 -16.04 -12.11 7.19
CA GLY B 242 -15.99 -12.97 6.02
C GLY B 242 -15.02 -14.14 6.12
N GLY B 243 -14.47 -14.34 7.32
CA GLY B 243 -13.54 -15.43 7.54
C GLY B 243 -12.09 -15.09 7.32
N ILE B 244 -11.77 -13.87 6.91
CA ILE B 244 -10.38 -13.43 6.87
C ILE B 244 -10.03 -13.04 8.30
N ASP B 245 -9.62 -14.02 9.09
CA ASP B 245 -9.56 -13.86 10.54
C ASP B 245 -8.33 -13.07 11.00
N LYS B 246 -7.26 -13.05 10.21
CA LYS B 246 -6.15 -12.13 10.41
C LYS B 246 -6.03 -11.32 9.14
N VAL B 247 -6.50 -10.08 9.18
CA VAL B 247 -6.57 -9.22 8.01
C VAL B 247 -5.91 -7.91 8.37
N TYR B 248 -5.28 -7.27 7.38
CA TYR B 248 -4.68 -5.97 7.68
C TYR B 248 -4.53 -5.17 6.39
N GLU B 249 -4.33 -3.88 6.58
CA GLU B 249 -4.17 -2.95 5.46
C GLU B 249 -3.22 -1.85 5.88
N ILE B 250 -2.18 -1.64 5.07
CA ILE B 250 -1.30 -0.49 5.20
C ILE B 250 -1.62 0.44 4.04
N GLY B 251 -2.00 1.67 4.36
CA GLY B 251 -2.38 2.60 3.32
C GLY B 251 -2.73 3.94 3.90
N LYS B 252 -2.98 4.89 3.00
CA LYS B 252 -3.30 6.24 3.43
C LYS B 252 -4.73 6.30 3.97
N VAL B 253 -4.87 6.99 5.11
CA VAL B 253 -6.18 7.39 5.60
C VAL B 253 -6.17 8.92 5.70
N PHE B 254 -7.36 9.49 5.64
CA PHE B 254 -7.52 10.93 5.46
C PHE B 254 -8.44 11.48 6.55
N ARG B 255 -7.89 12.31 7.42
CA ARG B 255 -8.65 13.08 8.41
C ARG B 255 -8.51 14.55 8.03
N ASN B 256 -9.59 15.14 7.54
CA ASN B 256 -9.56 16.49 6.98
C ASN B 256 -9.57 17.49 8.13
N GLU B 257 -8.40 17.64 8.76
CA GLU B 257 -8.23 18.53 9.90
C GLU B 257 -6.91 19.27 9.72
N GLY B 258 -6.44 19.89 10.81
CA GLY B 258 -5.28 20.77 10.72
C GLY B 258 -3.96 20.02 10.79
N ILE B 259 -3.04 20.42 9.92
CA ILE B 259 -1.68 19.88 9.97
C ILE B 259 -0.97 20.42 11.20
N ASP B 260 -0.10 19.58 11.77
CA ASP B 260 0.94 20.02 12.70
C ASP B 260 2.12 19.08 12.53
N ASN B 261 3.04 19.09 13.50
CA ASN B 261 4.24 18.29 13.38
C ASN B 261 3.98 16.79 13.52
N THR B 262 2.81 16.40 14.03
CA THR B 262 2.50 14.99 14.21
C THR B 262 1.16 14.58 13.62
N HIS B 263 0.38 15.51 13.08
CA HIS B 263 -0.86 15.20 12.38
C HIS B 263 -0.76 15.72 10.95
N ASN B 264 -0.86 14.81 9.98
CA ASN B 264 -1.05 15.21 8.60
C ASN B 264 -2.37 14.66 8.11
N PRO B 265 -3.15 15.45 7.37
CA PRO B 265 -4.50 15.00 7.00
C PRO B 265 -4.50 13.68 6.23
N GLU B 266 -3.50 13.47 5.38
CA GLU B 266 -3.29 12.18 4.73
C GLU B 266 -2.07 11.53 5.37
N PHE B 267 -2.29 10.40 6.04
CA PHE B 267 -1.19 9.73 6.74
C PHE B 267 -1.30 8.23 6.58
N THR B 268 -0.15 7.56 6.64
CA THR B 268 -0.08 6.12 6.46
C THR B 268 -0.51 5.43 7.74
N SER B 269 -1.64 4.75 7.71
CA SER B 269 -2.09 3.91 8.80
C SER B 269 -1.88 2.46 8.43
N CYS B 270 -1.44 1.66 9.40
CA CYS B 270 -1.54 0.21 9.30
C CYS B 270 -2.58 -0.25 10.30
N GLU B 271 -3.60 -0.95 9.83
CA GLU B 271 -4.60 -1.51 10.74
C GLU B 271 -4.70 -3.00 10.51
N PHE B 272 -4.54 -3.77 11.58
CA PHE B 272 -4.82 -5.19 11.54
C PHE B 272 -5.99 -5.52 12.45
N TYR B 273 -6.77 -6.50 12.01
CA TYR B 273 -7.80 -7.11 12.83
C TYR B 273 -7.50 -8.60 12.92
N TRP B 274 -7.59 -9.11 14.13
CA TRP B 274 -7.07 -10.43 14.48
C TRP B 274 -8.21 -11.11 15.24
N ALA B 275 -8.90 -12.02 14.56
CA ALA B 275 -10.00 -12.72 15.19
C ALA B 275 -9.49 -13.55 16.36
N TYR B 276 -10.28 -13.58 17.43
CA TYR B 276 -10.01 -14.33 18.65
C TYR B 276 -8.84 -13.77 19.45
N ALA B 277 -8.32 -12.61 19.07
CA ALA B 277 -7.30 -11.94 19.88
C ALA B 277 -7.94 -11.29 21.10
N ASP B 278 -7.28 -11.40 22.23
CA ASP B 278 -7.72 -10.74 23.45
C ASP B 278 -6.90 -9.46 23.66
N TYR B 279 -7.10 -8.83 24.82
CA TYR B 279 -6.29 -7.66 25.17
C TYR B 279 -4.82 -8.03 25.32
N ASN B 280 -4.54 -9.11 26.06
CA ASN B 280 -3.16 -9.56 26.21
C ASN B 280 -2.54 -9.88 24.86
N ASP B 281 -3.34 -10.41 23.93
CA ASP B 281 -2.86 -10.68 22.59
C ASP B 281 -2.37 -9.41 21.90
N LEU B 282 -3.20 -8.37 21.91
CA LEU B 282 -2.83 -7.13 21.23
C LEU B 282 -1.65 -6.46 21.92
N ILE B 283 -1.61 -6.50 23.25
CA ILE B 283 -0.49 -5.92 23.99
C ILE B 283 0.81 -6.64 23.65
N LYS B 284 0.77 -7.98 23.64
CA LYS B 284 1.94 -8.77 23.29
C LYS B 284 2.36 -8.51 21.85
N TRP B 285 1.39 -8.38 20.95
CA TRP B 285 1.72 -8.05 19.56
C TRP B 285 2.41 -6.70 19.47
N SER B 286 1.89 -5.71 20.18
CA SER B 286 2.46 -4.37 20.11
C SER B 286 3.89 -4.36 20.65
N GLU B 287 4.09 -5.00 21.81
CA GLU B 287 5.44 -5.07 22.38
C GLU B 287 6.39 -5.81 21.45
N ASP B 288 5.95 -6.98 20.95
CA ASP B 288 6.76 -7.76 20.02
C ASP B 288 7.12 -6.92 18.81
N PHE B 289 6.13 -6.29 18.19
CA PHE B 289 6.37 -5.57 16.94
C PHE B 289 7.31 -4.40 17.15
N PHE B 290 7.09 -3.61 18.20
CA PHE B 290 7.94 -2.43 18.39
C PHE B 290 9.36 -2.83 18.78
N SER B 291 9.50 -3.78 19.71
CA SER B 291 10.82 -4.22 20.10
C SER B 291 11.57 -4.83 18.93
N GLN B 292 10.90 -5.70 18.16
CA GLN B 292 11.56 -6.37 17.05
C GLN B 292 11.83 -5.45 15.88
N LEU B 293 10.97 -4.46 15.64
CA LEU B 293 11.23 -3.47 14.60
C LEU B 293 12.43 -2.60 14.96
N VAL B 294 12.49 -2.14 16.21
CA VAL B 294 13.63 -1.36 16.65
C VAL B 294 14.91 -2.18 16.56
N TYR B 295 14.85 -3.46 16.92
CA TYR B 295 16.03 -4.30 16.83
C TYR B 295 16.41 -4.59 15.38
N HIS B 296 15.42 -4.83 14.51
CA HIS B 296 15.69 -5.04 13.10
C HIS B 296 16.37 -3.83 12.48
N LEU B 297 16.05 -2.63 12.98
CA LEU B 297 16.66 -1.44 12.41
C LEU B 297 18.04 -1.17 12.99
N PHE B 298 18.15 -1.11 14.33
CA PHE B 298 19.36 -0.62 14.97
C PHE B 298 20.15 -1.70 15.72
N GLY B 299 19.64 -2.92 15.80
CA GLY B 299 20.34 -3.95 16.55
C GLY B 299 20.28 -3.80 18.05
N THR B 300 19.46 -2.89 18.55
CA THR B 300 19.29 -2.66 19.98
C THR B 300 17.86 -2.21 20.23
N TYR B 301 17.44 -2.31 21.49
CA TYR B 301 16.11 -1.85 21.88
C TYR B 301 16.08 -0.38 22.28
N LYS B 302 17.25 0.24 22.48
CA LYS B 302 17.35 1.59 23.00
C LYS B 302 17.72 2.54 21.87
N ILE B 303 16.89 3.56 21.65
CA ILE B 303 17.09 4.50 20.56
C ILE B 303 17.27 5.89 21.15
N SER B 304 17.96 6.75 20.40
CA SER B 304 18.22 8.12 20.79
C SER B 304 17.32 9.02 19.95
N TYR B 305 16.37 9.69 20.59
CA TYR B 305 15.41 10.53 19.88
C TYR B 305 15.44 11.94 20.45
N ASN B 306 15.62 12.93 19.57
CA ASN B 306 15.62 14.33 19.97
C ASN B 306 14.17 14.77 20.20
N LYS B 307 13.70 14.54 21.43
CA LYS B 307 12.31 14.80 21.75
C LYS B 307 11.94 16.26 21.54
N ASP B 308 12.75 17.17 22.09
CA ASP B 308 12.46 18.60 22.05
C ASP B 308 13.25 19.32 20.96
N GLY B 309 13.65 18.61 19.91
CA GLY B 309 14.34 19.20 18.80
C GLY B 309 15.81 18.87 18.76
N PRO B 310 16.47 19.18 17.65
CA PRO B 310 17.93 18.95 17.57
C PRO B 310 18.74 19.88 18.45
N GLU B 311 18.15 20.99 18.89
CA GLU B 311 18.86 21.92 19.78
C GLU B 311 19.04 21.33 21.17
N ASN B 312 18.24 20.33 21.55
CA ASN B 312 18.30 19.73 22.86
C ASN B 312 18.93 18.34 22.80
N GLN B 313 19.30 17.83 23.96
CA GLN B 313 19.87 16.50 24.05
C GLN B 313 18.79 15.45 23.74
N PRO B 314 19.14 14.37 23.06
CA PRO B 314 18.17 13.30 22.84
C PRO B 314 17.84 12.57 24.14
N ILE B 315 16.63 12.06 24.20
CA ILE B 315 16.22 11.14 25.26
C ILE B 315 16.44 9.73 24.73
N GLU B 316 16.80 8.82 25.63
CA GLU B 316 16.85 7.40 25.31
C GLU B 316 15.47 6.80 25.51
N ILE B 317 14.95 6.14 24.47
CA ILE B 317 13.70 5.40 24.54
C ILE B 317 14.06 3.92 24.48
N ASP B 318 13.70 3.18 25.52
CA ASP B 318 14.03 1.77 25.65
C ASP B 318 12.82 0.95 25.21
N PHE B 319 12.87 0.40 24.00
CA PHE B 319 11.82 -0.45 23.49
C PHE B 319 11.91 -1.88 23.99
N THR B 320 12.65 -2.13 25.07
CA THR B 320 12.73 -3.46 25.63
C THR B 320 11.38 -3.82 26.25
N PRO B 321 10.73 -4.90 25.81
CA PRO B 321 9.43 -5.27 26.38
C PRO B 321 9.61 -5.91 27.75
N PRO B 322 8.56 -5.89 28.59
CA PRO B 322 7.23 -5.33 28.34
C PRO B 322 7.20 -3.81 28.52
N TYR B 323 6.19 -3.17 27.99
CA TYR B 323 6.06 -1.74 28.20
C TYR B 323 5.04 -1.46 29.29
N PRO B 324 5.19 -0.36 30.03
CA PRO B 324 4.23 -0.07 31.10
C PRO B 324 2.81 0.07 30.57
N LYS B 325 1.86 -0.46 31.34
CA LYS B 325 0.44 -0.31 31.06
C LYS B 325 -0.16 0.58 32.14
N VAL B 326 -0.79 1.68 31.72
CA VAL B 326 -1.29 2.68 32.63
C VAL B 326 -2.76 2.90 32.32
N SER B 327 -3.64 2.59 33.28
CA SER B 327 -5.06 2.81 33.09
C SER B 327 -5.35 4.30 33.09
N ILE B 328 -6.10 4.75 32.09
CA ILE B 328 -6.31 6.19 31.90
C ILE B 328 -7.09 6.79 33.06
N VAL B 329 -8.20 6.14 33.46
CA VAL B 329 -9.02 6.67 34.54
C VAL B 329 -8.26 6.63 35.86
N GLU B 330 -7.67 5.49 36.18
CA GLU B 330 -7.03 5.35 37.49
C GLU B 330 -5.75 6.18 37.56
N GLU B 331 -5.07 6.40 36.44
CA GLU B 331 -3.93 7.30 36.48
C GLU B 331 -4.34 8.76 36.53
N ILE B 332 -5.44 9.14 35.89
CA ILE B 332 -5.96 10.50 36.07
C ILE B 332 -6.30 10.71 37.54
N GLU B 333 -6.90 9.71 38.18
CA GLU B 333 -7.28 9.83 39.58
C GLU B 333 -6.05 9.80 40.50
N LYS B 334 -4.99 9.10 40.10
CA LYS B 334 -3.77 9.08 40.90
C LYS B 334 -2.95 10.35 40.74
N VAL B 335 -3.03 11.00 39.58
CA VAL B 335 -2.26 12.20 39.33
C VAL B 335 -2.96 13.43 39.88
N THR B 336 -4.22 13.62 39.50
CA THR B 336 -4.97 14.82 39.89
C THR B 336 -5.65 14.70 41.25
N ASN B 337 -5.65 13.51 41.85
CA ASN B 337 -6.24 13.29 43.18
C ASN B 337 -7.72 13.66 43.20
N THR B 338 -8.45 13.29 42.15
CA THR B 338 -9.90 13.38 42.10
C THR B 338 -10.44 12.05 41.59
N ILE B 339 -11.63 11.67 42.07
CA ILE B 339 -12.27 10.42 41.70
C ILE B 339 -13.49 10.75 40.83
N LEU B 340 -13.56 10.12 39.66
CA LEU B 340 -14.59 10.42 38.67
C LEU B 340 -15.68 9.37 38.73
N GLU B 341 -16.89 9.78 39.10
CA GLU B 341 -18.03 8.87 39.17
C GLU B 341 -18.36 8.33 37.79
N GLN B 342 -19.13 7.24 37.78
CA GLN B 342 -19.66 6.71 36.54
C GLN B 342 -21.18 6.84 36.52
N PRO B 343 -21.78 7.22 35.38
CA PRO B 343 -21.16 7.38 34.05
C PRO B 343 -20.28 8.63 33.95
N PHE B 344 -19.28 8.59 33.07
CA PHE B 344 -18.33 9.68 32.95
C PHE B 344 -18.91 10.91 32.26
N ASP B 345 -20.12 10.83 31.73
CA ASP B 345 -20.78 11.95 31.08
C ASP B 345 -21.87 12.58 31.95
N SER B 346 -21.95 12.20 33.21
CA SER B 346 -22.92 12.81 34.12
C SER B 346 -22.58 14.28 34.35
N ASN B 347 -23.61 15.08 34.64
CA ASN B 347 -23.40 16.50 34.88
C ASN B 347 -22.39 16.74 35.99
N GLU B 348 -22.50 15.97 37.08
CA GLU B 348 -21.54 16.11 38.17
C GLU B 348 -20.14 15.75 37.72
N THR B 349 -19.99 14.64 37.00
CA THR B 349 -18.66 14.26 36.54
C THR B 349 -18.15 15.15 35.42
N ILE B 350 -19.05 15.68 34.59
CA ILE B 350 -18.63 16.60 33.53
C ILE B 350 -18.11 17.90 34.13
N GLU B 351 -18.86 18.47 35.07
CA GLU B 351 -18.42 19.71 35.73
C GLU B 351 -17.20 19.47 36.61
N LYS B 352 -17.09 18.28 37.21
CA LYS B 352 -15.88 17.92 37.93
C LYS B 352 -14.68 17.84 36.99
N MET B 353 -14.88 17.24 35.81
CA MET B 353 -13.80 17.04 34.86
C MET B 353 -13.29 18.36 34.32
N ILE B 354 -14.21 19.24 33.91
CA ILE B 354 -13.80 20.58 33.45
C ILE B 354 -12.96 21.27 34.52
N ASN B 355 -13.21 20.95 35.79
CA ASN B 355 -12.58 21.68 36.89
C ASN B 355 -11.09 21.37 37.01
N ILE B 356 -10.66 20.14 36.73
CA ILE B 356 -9.22 19.88 36.83
C ILE B 356 -8.47 20.60 35.72
N ILE B 357 -9.04 20.62 34.51
CA ILE B 357 -8.42 21.37 33.42
C ILE B 357 -8.34 22.84 33.77
N LYS B 358 -9.41 23.39 34.35
CA LYS B 358 -9.38 24.78 34.78
C LYS B 358 -8.35 25.02 35.87
N GLU B 359 -8.25 24.07 36.82
CA GLU B 359 -7.31 24.19 37.93
C GLU B 359 -5.87 24.07 37.48
N HIS B 360 -5.61 23.45 36.34
CA HIS B 360 -4.26 23.35 35.79
C HIS B 360 -4.04 24.32 34.64
N LYS B 361 -5.00 25.20 34.36
CA LYS B 361 -4.87 26.20 33.30
C LYS B 361 -4.57 25.56 31.94
N ILE B 362 -4.99 24.31 31.78
CA ILE B 362 -4.94 23.68 30.47
C ILE B 362 -6.16 24.12 29.66
N GLU B 363 -6.07 23.98 28.34
CA GLU B 363 -7.13 24.46 27.46
C GLU B 363 -8.32 23.49 27.48
N LEU B 364 -9.52 24.07 27.44
CA LEU B 364 -10.75 23.28 27.46
C LEU B 364 -11.19 22.98 26.04
N PRO B 365 -11.34 21.72 25.64
CA PRO B 365 -11.78 21.42 24.28
C PRO B 365 -13.21 21.88 24.04
N ASN B 366 -13.46 22.40 22.84
CA ASN B 366 -14.77 22.83 22.41
C ASN B 366 -15.27 21.93 21.29
N PRO B 367 -16.41 21.25 21.46
CA PRO B 367 -17.31 21.25 22.62
C PRO B 367 -16.72 20.44 23.78
N PRO B 368 -17.16 20.69 25.02
CA PRO B 368 -16.60 19.96 26.16
C PRO B 368 -17.27 18.61 26.41
N THR B 369 -17.13 17.71 25.44
CA THR B 369 -17.69 16.37 25.56
C THR B 369 -16.86 15.53 26.51
N ALA B 370 -17.53 14.57 27.16
CA ALA B 370 -16.90 13.78 28.22
C ALA B 370 -15.62 13.11 27.72
N ALA B 371 -15.68 12.47 26.56
CA ALA B 371 -14.50 11.82 26.01
C ALA B 371 -13.41 12.83 25.67
N LYS B 372 -13.80 14.02 25.20
CA LYS B 372 -12.81 15.05 24.89
C LYS B 372 -12.08 15.53 26.15
N LEU B 373 -12.82 15.74 27.24
CA LEU B 373 -12.17 16.14 28.48
C LEU B 373 -11.31 15.02 29.04
N LEU B 374 -11.74 13.77 28.89
CA LEU B 374 -10.90 12.65 29.30
C LEU B 374 -9.62 12.62 28.48
N ASP B 375 -9.72 12.89 27.18
CA ASP B 375 -8.55 12.99 26.32
C ASP B 375 -7.61 14.08 26.80
N GLN B 376 -8.15 15.25 27.14
CA GLN B 376 -7.32 16.36 27.58
C GLN B 376 -6.62 16.04 28.90
N LEU B 377 -7.34 15.44 29.84
CA LEU B 377 -6.72 15.06 31.11
C LEU B 377 -5.60 14.05 30.88
N ALA B 378 -5.87 13.02 30.07
CA ALA B 378 -4.83 12.04 29.78
C ALA B 378 -3.63 12.71 29.13
N SER B 379 -3.88 13.61 28.18
CA SER B 379 -2.81 14.27 27.45
C SER B 379 -1.91 15.07 28.39
N HIS B 380 -2.51 15.89 29.25
CA HIS B 380 -1.69 16.68 30.16
C HIS B 380 -1.02 15.80 31.22
N PHE B 381 -1.77 14.85 31.79
CA PHE B 381 -1.35 14.19 33.03
C PHE B 381 -0.68 12.84 32.82
N ILE B 382 -1.18 11.99 31.93
CA ILE B 382 -0.68 10.64 31.79
C ILE B 382 0.30 10.50 30.63
N GLU B 383 -0.01 11.13 29.50
CA GLU B 383 0.74 10.88 28.27
C GLU B 383 2.19 11.35 28.35
N ASN B 384 2.55 12.13 29.36
CA ASN B 384 3.93 12.53 29.61
C ASN B 384 4.43 11.95 30.93
N LYS B 385 4.11 10.68 31.19
CA LYS B 385 4.58 10.00 32.39
C LYS B 385 5.68 8.99 32.14
N TYR B 386 5.88 8.56 30.89
CA TYR B 386 6.97 7.65 30.54
C TYR B 386 7.52 8.07 29.18
N ASN B 387 8.69 8.68 29.18
CA ASN B 387 9.41 9.01 27.96
C ASN B 387 10.69 8.19 27.79
N ASP B 388 11.18 7.56 28.86
CA ASP B 388 12.35 6.71 28.76
C ASP B 388 12.04 5.38 28.07
N LYS B 389 10.77 5.01 28.00
CA LYS B 389 10.34 3.80 27.30
C LYS B 389 8.97 4.06 26.69
N PRO B 390 8.60 3.31 25.66
CA PRO B 390 7.21 3.36 25.20
C PRO B 390 6.28 2.80 26.25
N PHE B 391 5.02 3.23 26.22
CA PHE B 391 4.10 2.75 27.25
C PHE B 391 2.67 2.76 26.74
N PHE B 392 1.79 2.11 27.51
CA PHE B 392 0.39 1.93 27.13
C PHE B 392 -0.52 2.69 28.09
N ILE B 393 -1.33 3.58 27.54
CA ILE B 393 -2.55 4.03 28.21
C ILE B 393 -3.64 3.03 27.86
N VAL B 394 -4.24 2.41 28.87
CA VAL B 394 -5.11 1.27 28.62
C VAL B 394 -6.45 1.47 29.32
N GLU B 395 -7.42 0.67 28.88
CA GLU B 395 -8.73 0.56 29.53
C GLU B 395 -9.46 1.91 29.53
N HIS B 396 -9.55 2.50 28.34
CA HIS B 396 -10.29 3.75 28.19
C HIS B 396 -11.77 3.50 28.46
N PRO B 397 -12.46 4.49 29.03
CA PRO B 397 -13.90 4.33 29.27
C PRO B 397 -14.65 4.12 27.97
N GLN B 398 -15.78 3.40 28.08
CA GLN B 398 -16.56 3.06 26.90
C GLN B 398 -17.05 4.29 26.15
N ILE B 399 -17.16 5.44 26.84
CA ILE B 399 -17.51 6.67 26.16
C ILE B 399 -16.36 7.18 25.29
N MET B 400 -15.13 6.67 25.51
CA MET B 400 -14.00 7.02 24.66
C MET B 400 -13.79 6.04 23.53
N SER B 401 -14.38 4.85 23.62
CA SER B 401 -14.13 3.76 22.68
C SER B 401 -15.44 3.01 22.45
N PRO B 402 -16.37 3.61 21.71
CA PRO B 402 -17.69 2.96 21.51
C PRO B 402 -17.63 1.68 20.69
N LEU B 403 -16.56 1.46 19.93
CA LEU B 403 -16.38 0.24 19.17
C LEU B 403 -15.58 -0.81 19.91
N ALA B 404 -15.22 -0.55 21.17
CA ALA B 404 -14.35 -1.42 21.93
C ALA B 404 -15.15 -2.30 22.87
N LYS B 405 -14.68 -3.54 23.06
CA LYS B 405 -15.31 -4.44 24.00
C LYS B 405 -15.18 -3.91 25.42
N TYR B 406 -16.14 -4.29 26.27
CA TYR B 406 -16.10 -3.83 27.65
C TYR B 406 -15.03 -4.57 28.43
N HIS B 407 -14.37 -3.85 29.34
CA HIS B 407 -13.50 -4.51 30.31
C HIS B 407 -14.31 -5.48 31.14
N ARG B 408 -13.70 -6.61 31.50
CA ARG B 408 -14.44 -7.65 32.20
C ARG B 408 -14.43 -7.50 33.71
N THR B 409 -13.43 -6.81 34.27
CA THR B 409 -13.35 -6.64 35.72
C THR B 409 -13.39 -5.19 36.17
N LYS B 410 -13.34 -4.23 35.26
CA LYS B 410 -13.42 -2.80 35.61
C LYS B 410 -14.65 -2.18 34.93
N PRO B 411 -15.70 -1.83 35.68
CA PRO B 411 -16.93 -1.36 35.05
C PRO B 411 -16.73 -0.03 34.32
N GLY B 412 -17.45 0.11 33.20
CA GLY B 412 -17.42 1.31 32.41
C GLY B 412 -16.20 1.46 31.53
N LEU B 413 -15.22 0.58 31.66
CA LEU B 413 -13.98 0.67 30.89
C LEU B 413 -14.00 -0.34 29.75
N THR B 414 -13.00 -0.22 28.88
CA THR B 414 -12.82 -1.12 27.75
C THR B 414 -11.52 -1.87 27.92
N GLU B 415 -11.22 -2.73 26.93
CA GLU B 415 -9.91 -3.37 26.83
C GLU B 415 -8.98 -2.62 25.90
N ARG B 416 -9.16 -1.31 25.78
CA ARG B 416 -8.38 -0.52 24.86
C ARG B 416 -6.94 -0.40 25.32
N LEU B 417 -6.02 -0.37 24.35
CA LEU B 417 -4.63 -0.09 24.62
C LEU B 417 -4.13 0.94 23.61
N GLU B 418 -3.28 1.85 24.08
CA GLU B 418 -2.90 3.01 23.28
C GLU B 418 -1.42 3.24 23.58
N MET B 419 -0.56 2.97 22.60
CA MET B 419 0.87 3.05 22.83
C MET B 419 1.43 4.42 22.48
N PHE B 420 2.33 4.90 23.33
CA PHE B 420 2.91 6.23 23.22
C PHE B 420 4.42 6.15 23.29
N ILE B 421 5.05 6.97 22.46
CA ILE B 421 6.48 7.20 22.45
C ILE B 421 6.69 8.71 22.55
N CYS B 422 7.44 9.15 23.57
CA CYS B 422 7.73 10.57 23.78
C CYS B 422 6.47 11.40 23.85
N GLY B 423 5.42 10.82 24.44
CA GLY B 423 4.16 11.53 24.60
C GLY B 423 3.33 11.65 23.35
N LYS B 424 3.76 11.07 22.24
CA LYS B 424 2.99 11.05 21.01
C LYS B 424 2.47 9.63 20.81
N GLU B 425 1.18 9.52 20.53
CA GLU B 425 0.57 8.23 20.36
C GLU B 425 0.94 7.67 18.99
N VAL B 426 1.29 6.38 18.95
CA VAL B 426 1.58 5.71 17.69
C VAL B 426 0.73 4.47 17.46
N LEU B 427 0.02 3.98 18.48
CA LEU B 427 -0.71 2.72 18.38
C LEU B 427 -2.03 2.83 19.13
N ASN B 428 -3.12 2.50 18.42
CA ASN B 428 -4.44 2.40 19.04
C ASN B 428 -4.97 0.99 18.85
N ALA B 429 -5.39 0.35 19.92
CA ALA B 429 -5.87 -1.01 19.78
C ALA B 429 -6.92 -1.30 20.84
N TYR B 430 -7.81 -2.23 20.52
CA TYR B 430 -8.78 -2.72 21.49
C TYR B 430 -9.46 -3.98 20.96
N THR B 431 -9.98 -4.77 21.89
CA THR B 431 -10.90 -5.84 21.50
C THR B 431 -12.21 -5.24 21.03
N GLU B 432 -12.75 -5.79 19.94
CA GLU B 432 -13.96 -5.24 19.35
C GLU B 432 -15.20 -5.64 20.12
N LEU B 433 -16.12 -4.69 20.29
CA LEU B 433 -17.44 -4.99 20.84
C LEU B 433 -18.24 -5.65 19.74
N ASN B 434 -18.13 -6.98 19.64
CA ASN B 434 -18.75 -7.73 18.58
C ASN B 434 -20.21 -8.06 18.85
N ASP B 435 -20.73 -7.70 20.03
CA ASP B 435 -22.14 -7.87 20.33
C ASP B 435 -22.92 -6.71 19.71
N PRO B 436 -23.71 -6.96 18.67
CA PRO B 436 -24.43 -5.86 18.00
C PRO B 436 -25.39 -5.13 18.92
N PHE B 437 -25.99 -5.83 19.88
CA PHE B 437 -26.96 -5.23 20.79
C PHE B 437 -26.31 -4.57 21.99
N LYS B 438 -24.98 -4.62 22.11
CA LYS B 438 -24.28 -4.02 23.24
C LYS B 438 -23.79 -2.60 22.97
N GLN B 439 -24.01 -2.07 21.77
CA GLN B 439 -23.67 -0.68 21.47
C GLN B 439 -24.86 -0.01 20.80
N LYS B 440 -25.20 1.20 21.26
CA LYS B 440 -26.29 1.96 20.68
C LYS B 440 -25.98 2.46 19.27
N GLU B 441 -24.74 2.34 18.81
CA GLU B 441 -24.39 2.66 17.44
C GLU B 441 -25.07 1.75 16.41
N CYS B 442 -25.85 0.75 16.85
CA CYS B 442 -26.62 -0.10 15.96
C CYS B 442 -28.12 0.01 16.13
N PHE B 443 -28.60 0.51 17.28
CA PHE B 443 -30.03 0.63 17.52
C PHE B 443 -30.38 2.02 18.04
N ASP B 461 -22.44 2.50 11.67
CA ASP B 461 -22.68 2.24 10.26
C ASP B 461 -23.66 1.09 10.08
N SER B 462 -24.62 1.27 9.15
CA SER B 462 -25.56 0.21 8.85
C SER B 462 -24.86 -1.01 8.27
N ALA B 463 -23.88 -0.80 7.40
CA ALA B 463 -23.11 -1.91 6.85
C ALA B 463 -22.35 -2.65 7.95
N PHE B 464 -21.69 -1.90 8.83
CA PHE B 464 -20.94 -2.52 9.91
C PHE B 464 -21.86 -3.25 10.88
N CYS B 465 -23.01 -2.65 11.21
CA CYS B 465 -23.94 -3.30 12.12
C CYS B 465 -24.54 -4.56 11.50
N THR B 466 -24.79 -4.55 10.19
CA THR B 466 -25.27 -5.75 9.51
C THR B 466 -24.19 -6.84 9.50
N SER B 467 -22.93 -6.45 9.32
CA SER B 467 -21.84 -7.41 9.46
C SER B 467 -21.83 -8.03 10.85
N LEU B 468 -21.98 -7.20 11.88
CA LEU B 468 -22.09 -7.71 13.24
C LEU B 468 -23.24 -8.68 13.38
N GLU B 469 -24.39 -8.35 12.78
CA GLU B 469 -25.56 -9.21 12.83
C GLU B 469 -25.31 -10.54 12.14
N TYR B 470 -24.45 -10.55 11.12
CA TYR B 470 -24.02 -11.80 10.53
C TYR B 470 -22.94 -12.50 11.34
N GLY B 471 -22.35 -11.80 12.30
CA GLY B 471 -21.51 -12.47 13.28
C GLY B 471 -20.04 -12.18 13.19
N LEU B 472 -19.57 -11.30 14.05
CA LEU B 472 -18.15 -11.02 14.18
C LEU B 472 -17.62 -11.69 15.42
N PRO B 473 -16.55 -12.48 15.33
CA PRO B 473 -16.04 -13.18 16.50
C PRO B 473 -15.46 -12.18 17.51
N PRO B 474 -15.01 -12.64 18.67
CA PRO B 474 -14.13 -11.79 19.48
C PRO B 474 -12.87 -11.48 18.67
N THR B 475 -12.62 -10.20 18.42
CA THR B 475 -11.48 -9.79 17.61
C THR B 475 -10.74 -8.64 18.29
N GLY B 476 -9.43 -8.62 18.11
CA GLY B 476 -8.61 -7.49 18.52
C GLY B 476 -8.20 -6.69 17.29
N GLY B 477 -8.48 -5.40 17.33
CA GLY B 477 -8.08 -4.49 16.27
C GLY B 477 -6.96 -3.60 16.75
N LEU B 478 -6.09 -3.22 15.81
CA LEU B 478 -4.95 -2.38 16.13
C LEU B 478 -4.62 -1.51 14.92
N GLY B 479 -4.09 -0.33 15.22
CA GLY B 479 -3.71 0.64 14.22
C GLY B 479 -2.43 1.32 14.62
N LEU B 480 -1.62 1.61 13.61
CA LEU B 480 -0.26 2.11 13.75
C LEU B 480 -0.12 3.35 12.88
N GLY B 481 0.38 4.42 13.49
CA GLY B 481 0.71 5.62 12.76
C GLY B 481 2.11 5.48 12.19
N ILE B 482 2.16 5.07 10.93
CA ILE B 482 3.43 4.73 10.29
C ILE B 482 4.35 5.93 10.25
N ASP B 483 3.79 7.10 9.93
CA ASP B 483 4.60 8.31 9.89
C ASP B 483 5.17 8.65 11.26
N ARG B 484 4.39 8.42 12.32
CA ARG B 484 4.88 8.70 13.67
C ARG B 484 5.96 7.73 14.10
N ILE B 485 5.76 6.43 13.85
CA ILE B 485 6.78 5.44 14.15
C ILE B 485 8.06 5.75 13.37
N THR B 486 7.91 6.14 12.11
CA THR B 486 9.06 6.53 11.31
C THR B 486 9.73 7.77 11.87
N MET B 487 8.94 8.74 12.35
CA MET B 487 9.49 9.91 13.02
C MET B 487 10.39 9.51 14.17
N PHE B 488 9.89 8.62 15.03
CA PHE B 488 10.63 8.26 16.22
C PHE B 488 11.86 7.41 15.90
N LEU B 489 11.80 6.61 14.83
CA LEU B 489 12.93 5.77 14.47
C LEU B 489 13.90 6.45 13.51
N THR B 490 13.53 7.60 12.96
CA THR B 490 14.40 8.42 12.12
C THR B 490 14.86 9.68 12.84
N ASN B 491 14.51 9.84 14.11
CA ASN B 491 14.89 11.00 14.91
C ASN B 491 14.39 12.30 14.27
N LYS B 492 13.13 12.29 13.83
CA LYS B 492 12.52 13.45 13.20
C LYS B 492 11.45 14.03 14.13
N ASN B 493 11.47 15.36 14.28
CA ASN B 493 10.52 16.02 15.17
C ASN B 493 9.17 16.26 14.50
N SER B 494 9.16 16.46 13.19
CA SER B 494 7.95 16.80 12.46
C SER B 494 7.59 15.69 11.48
N ILE B 495 6.28 15.56 11.22
CA ILE B 495 5.80 14.52 10.33
C ILE B 495 6.13 14.83 8.88
N LYS B 496 6.34 16.10 8.53
CA LYS B 496 6.74 16.44 7.17
C LYS B 496 8.12 15.87 6.82
N ASP B 497 8.92 15.51 7.84
CA ASP B 497 10.25 14.98 7.60
C ASP B 497 10.24 13.49 7.25
N VAL B 498 9.14 12.79 7.51
CA VAL B 498 9.02 11.37 7.19
C VAL B 498 8.07 11.11 6.05
N ILE B 499 7.52 12.16 5.43
CA ILE B 499 6.73 12.05 4.21
C ILE B 499 7.55 12.64 3.08
N LEU B 500 7.67 11.90 1.98
CA LEU B 500 8.54 12.32 0.89
C LEU B 500 8.07 13.63 0.27
N PHE B 501 6.76 13.73 0.01
CA PHE B 501 6.17 14.95 -0.56
C PHE B 501 5.02 15.36 0.35
N PRO B 502 5.33 15.98 1.50
CA PRO B 502 4.25 16.48 2.36
C PRO B 502 3.44 17.53 1.60
N THR B 503 2.12 17.48 1.80
CA THR B 503 1.23 18.42 1.14
C THR B 503 1.53 19.83 1.60
N MET B 504 2.18 20.63 0.75
CA MET B 504 2.65 21.95 1.15
C MET B 504 1.67 23.02 0.70
N ARG B 505 1.90 24.24 1.17
CA ARG B 505 1.08 25.39 0.79
C ARG B 505 1.74 26.14 -0.36
N PRO B 506 1.07 26.31 -1.49
CA PRO B 506 1.66 27.09 -2.59
C PRO B 506 1.77 28.56 -2.24
N ALA B 507 2.73 29.22 -2.88
CA ALA B 507 2.92 30.66 -2.70
C ALA B 507 2.23 31.45 -3.80
#